data_9CQJ
#
_entry.id   9CQJ
#
_cell.length_a   86.812
_cell.length_b   129.057
_cell.length_c   78.216
_cell.angle_alpha   90
_cell.angle_beta   90
_cell.angle_gamma   90
#
_symmetry.space_group_name_H-M   'P 21 21 2'
#
loop_
_entity.id
_entity.type
_entity.pdbx_description
1 polymer 'Serpin H1'
2 polymer 'anti-HSP47 Adnectin-53'
3 water water
#
loop_
_entity_poly.entity_id
_entity_poly.type
_entity_poly.pdbx_seq_one_letter_code
_entity_poly.pdbx_strand_id
1 'polypeptide(L)'
;GAGALSPKAATLAERSAGLAFSLYQAMAKDQAVENILLSPVVVASSLGLVSLGGKATTASQAKAVLSAEQLRDEEVHAGL
GELLRSLSNSTARNVTWKLGSRLYGPSSVSFAEDFVRSSKQHYNCEHSKINFRDKRSALQSINEWAAQTTDGKLPEVTKD
VERTDGALLVNAMFFKPHWDEKFHHKMVDNRGFMVTRSYTVGVTMMHRTGLYNYYDDEKEKLQIVEMPLAHKLSSLIILM
PHHVEPLERLEKLLTKEQLKIWMGKMQKKAVAISLPKGVVEVTHDLQKHLAGLGLTEAIDKNKADLSRMSGKKDLYLASV
FHATAFEWDTEGNPFDQDIYGREELRSPKLFYADHPFIFLVRDTQSGSLLFIGRLVRPKGDKMRDEL
;
A,B
2 'polypeptide(L)'
;MGVSDVPRDLEVVAATPTSLLISWYHPEQYTEYYRITYGETGGNSPVQEFTVPGERETATISGLKPGVDYTITVYAVGAE
QYGGGPDAPISINYRTPHHHHHH
;
D,E
#
# COMPACT_ATOMS: atom_id res chain seq x y z
N LEU A 5 39.65 15.22 -5.55
CA LEU A 5 39.44 16.66 -5.73
C LEU A 5 40.68 17.47 -5.44
N SER A 6 40.80 18.64 -6.09
CA SER A 6 41.90 19.56 -5.85
C SER A 6 41.72 20.23 -4.48
N PRO A 7 42.78 20.80 -3.83
CA PRO A 7 42.56 21.45 -2.51
C PRO A 7 41.41 22.47 -2.47
N LYS A 8 41.28 23.32 -3.50
CA LYS A 8 40.19 24.31 -3.52
C LYS A 8 38.80 23.65 -3.63
N ALA A 9 38.64 22.63 -4.49
CA ALA A 9 37.37 21.91 -4.61
C ALA A 9 37.05 21.11 -3.34
N ALA A 10 38.09 20.61 -2.64
CA ALA A 10 37.92 19.87 -1.39
C ALA A 10 37.41 20.78 -0.28
N THR A 11 37.92 22.03 -0.18
CA THR A 11 37.42 22.95 0.85
C THR A 11 35.97 23.33 0.53
N LEU A 12 35.63 23.51 -0.76
CA LEU A 12 34.25 23.83 -1.15
C LEU A 12 33.30 22.64 -0.98
N ALA A 13 33.80 21.40 -1.00
CA ALA A 13 32.96 20.23 -0.74
C ALA A 13 32.54 20.28 0.75
N GLU A 14 33.48 20.62 1.64
CA GLU A 14 33.21 20.77 3.09
C GLU A 14 32.24 21.94 3.33
N ARG A 15 32.44 23.06 2.63
CA ARG A 15 31.57 24.23 2.80
C ARG A 15 30.17 23.95 2.24
N SER A 16 30.05 23.23 1.11
CA SER A 16 28.75 22.88 0.51
C SER A 16 27.97 21.95 1.43
N ALA A 17 28.65 20.98 2.06
CA ALA A 17 27.99 20.07 3.00
C ALA A 17 27.52 20.88 4.22
N GLY A 18 28.38 21.78 4.75
CA GLY A 18 28.01 22.66 5.86
C GLY A 18 26.80 23.50 5.56
N LEU A 19 26.73 24.06 4.34
CA LEU A 19 25.57 24.84 3.89
C LEU A 19 24.30 23.96 3.78
N ALA A 20 24.40 22.77 3.18
CA ALA A 20 23.25 21.87 3.05
C ALA A 20 22.66 21.50 4.41
N PHE A 21 23.51 21.24 5.43
CA PHE A 21 23.00 20.93 6.76
C PHE A 21 22.28 22.15 7.37
N SER A 22 22.85 23.36 7.23
CA SER A 22 22.21 24.58 7.75
C SER A 22 20.88 24.83 7.03
N LEU A 23 20.85 24.58 5.72
CA LEU A 23 19.65 24.76 4.90
C LEU A 23 18.60 23.69 5.28
N TYR A 24 19.03 22.44 5.50
CA TYR A 24 18.18 21.34 5.94
C TYR A 24 17.57 21.68 7.29
N GLN A 25 18.37 22.19 8.25
CA GLN A 25 17.87 22.54 9.59
C GLN A 25 16.86 23.68 9.54
N ALA A 26 17.12 24.71 8.70
CA ALA A 26 16.19 25.83 8.52
C ALA A 26 14.88 25.33 7.91
N MET A 27 14.95 24.39 6.94
CA MET A 27 13.78 23.81 6.30
C MET A 27 13.01 22.87 7.24
N ALA A 28 13.72 22.09 8.07
CA ALA A 28 13.08 21.17 9.02
C ALA A 28 12.28 21.94 10.09
N LYS A 29 12.67 23.20 10.41
CA LYS A 29 11.93 24.02 11.37
C LYS A 29 10.58 24.49 10.80
N ASP A 30 10.47 24.65 9.47
CA ASP A 30 9.23 25.07 8.80
C ASP A 30 8.19 23.94 8.85
N GLN A 31 6.98 24.23 9.37
CA GLN A 31 5.92 23.24 9.51
C GLN A 31 5.30 22.84 8.17
N ALA A 32 5.38 23.70 7.14
CA ALA A 32 4.86 23.37 5.81
C ALA A 32 5.77 22.35 5.08
N VAL A 33 7.07 22.28 5.46
CA VAL A 33 8.02 21.37 4.82
C VAL A 33 7.81 19.92 5.30
N GLU A 34 7.64 18.99 4.35
CA GLU A 34 7.42 17.58 4.66
C GLU A 34 8.71 16.79 4.27
N ASN A 35 8.85 16.26 3.02
CA ASN A 35 10.09 15.58 2.63
C ASN A 35 11.15 16.63 2.31
N ILE A 36 12.43 16.29 2.51
CA ILE A 36 13.54 17.18 2.18
C ILE A 36 14.49 16.41 1.29
N LEU A 37 15.00 17.06 0.24
CA LEU A 37 15.97 16.45 -0.65
C LEU A 37 16.85 17.55 -1.21
N LEU A 38 18.14 17.57 -0.81
CA LEU A 38 19.10 18.58 -1.21
C LEU A 38 20.38 17.95 -1.69
N SER A 39 20.91 18.46 -2.77
CA SER A 39 22.19 18.07 -3.32
C SER A 39 23.09 19.24 -2.91
N PRO A 40 24.00 19.08 -1.93
CA PRO A 40 24.83 20.20 -1.52
C PRO A 40 25.60 20.93 -2.63
N VAL A 41 26.14 20.20 -3.62
CA VAL A 41 26.90 20.83 -4.71
C VAL A 41 25.96 21.65 -5.62
N VAL A 42 24.73 21.18 -5.89
CA VAL A 42 23.79 21.91 -6.73
C VAL A 42 23.35 23.21 -6.01
N VAL A 43 23.11 23.13 -4.69
CA VAL A 43 22.77 24.27 -3.84
C VAL A 43 23.90 25.30 -3.86
N ALA A 44 25.13 24.84 -3.71
CA ALA A 44 26.31 25.69 -3.75
C ALA A 44 26.51 26.32 -5.13
N SER A 45 26.27 25.58 -6.22
CA SER A 45 26.37 26.12 -7.57
C SER A 45 25.33 27.22 -7.81
N SER A 46 24.17 27.19 -7.11
CA SER A 46 23.17 28.23 -7.21
C SER A 46 23.71 29.54 -6.61
N LEU A 47 24.42 29.45 -5.48
CA LEU A 47 25.05 30.62 -4.88
C LEU A 47 26.22 31.10 -5.76
N GLY A 48 26.95 30.16 -6.36
CA GLY A 48 28.04 30.48 -7.28
C GLY A 48 27.55 31.25 -8.49
N LEU A 49 26.36 30.90 -9.02
CA LEU A 49 25.76 31.61 -10.15
C LEU A 49 25.38 33.04 -9.73
N VAL A 50 24.91 33.24 -8.48
CA VAL A 50 24.55 34.57 -7.98
C VAL A 50 25.83 35.41 -7.88
N SER A 51 26.95 34.83 -7.43
CA SER A 51 28.24 35.51 -7.36
C SER A 51 28.79 35.84 -8.75
N LEU A 52 28.63 34.93 -9.71
CA LEU A 52 29.13 35.13 -11.08
C LEU A 52 28.35 36.24 -11.79
N GLY A 53 27.03 36.24 -11.66
CA GLY A 53 26.19 37.26 -12.28
C GLY A 53 25.78 38.36 -11.32
N GLY A 54 26.58 38.62 -10.28
CA GLY A 54 26.29 39.62 -9.25
C GLY A 54 27.45 40.54 -8.99
N LYS A 55 27.19 41.69 -8.34
CA LYS A 55 28.23 42.67 -8.04
C LYS A 55 28.20 43.16 -6.60
N ALA A 56 29.37 43.63 -6.11
CA ALA A 56 29.58 44.22 -4.78
C ALA A 56 28.95 43.34 -3.61
N THR A 57 27.92 43.76 -2.79
CA THR A 57 27.39 42.95 -1.70
C THR A 57 26.45 41.84 -2.16
N THR A 58 25.88 41.91 -3.39
CA THR A 58 25.04 40.82 -3.89
C THR A 58 25.90 39.56 -4.05
N ALA A 59 27.09 39.72 -4.65
CA ALA A 59 28.03 38.61 -4.84
C ALA A 59 28.79 38.22 -3.56
N SER A 60 29.14 39.20 -2.69
CA SER A 60 29.86 38.90 -1.46
C SER A 60 28.99 38.13 -0.45
N GLN A 61 27.68 38.44 -0.38
CA GLN A 61 26.75 37.71 0.49
C GLN A 61 26.57 36.27 0.02
N ALA A 62 26.67 36.00 -1.28
CA ALA A 62 26.58 34.64 -1.80
C ALA A 62 27.75 33.80 -1.28
N LYS A 63 28.96 34.38 -1.27
CA LYS A 63 30.15 33.69 -0.72
C LYS A 63 30.05 33.56 0.81
N ALA A 64 29.44 34.56 1.49
CA ALA A 64 29.24 34.53 2.93
C ALA A 64 28.31 33.40 3.37
N VAL A 65 27.24 33.12 2.60
CA VAL A 65 26.31 32.02 2.92
C VAL A 65 27.06 30.67 2.79
N LEU A 66 27.98 30.54 1.81
CA LEU A 66 28.82 29.35 1.62
C LEU A 66 30.00 29.29 2.61
N SER A 67 30.22 30.31 3.46
CA SER A 67 31.37 30.42 4.38
C SER A 67 32.67 30.35 3.58
N ALA A 68 32.71 31.07 2.45
CA ALA A 68 33.87 31.12 1.56
C ALA A 68 34.33 32.58 1.44
N GLU A 69 34.70 33.20 2.58
CA GLU A 69 35.14 34.59 2.60
C GLU A 69 36.60 34.67 2.13
N GLN A 70 37.46 33.79 2.69
CA GLN A 70 38.89 33.75 2.37
C GLN A 70 39.23 33.03 1.05
N LEU A 71 38.27 32.90 0.12
CA LEU A 71 38.50 32.27 -1.19
C LEU A 71 38.30 33.32 -2.27
N ARG A 72 39.23 33.40 -3.23
CA ARG A 72 39.12 34.34 -4.35
C ARG A 72 37.95 33.92 -5.27
N ASP A 73 37.35 34.88 -6.00
CA ASP A 73 36.24 34.57 -6.91
C ASP A 73 36.58 33.46 -7.92
N GLU A 74 37.79 33.48 -8.51
CA GLU A 74 38.20 32.41 -9.43
C GLU A 74 38.22 31.06 -8.74
N GLU A 75 38.71 31.00 -7.49
CA GLU A 75 38.77 29.76 -6.70
C GLU A 75 37.36 29.21 -6.43
N VAL A 76 36.36 30.09 -6.26
CA VAL A 76 34.97 29.70 -6.00
C VAL A 76 34.33 29.04 -7.24
N HIS A 77 34.40 29.70 -8.41
CA HIS A 77 33.79 29.17 -9.63
C HIS A 77 34.52 27.96 -10.18
N ALA A 78 35.86 27.91 -10.08
CA ALA A 78 36.61 26.76 -10.57
C ALA A 78 36.41 25.54 -9.65
N GLY A 79 36.41 25.76 -8.34
CA GLY A 79 36.19 24.68 -7.37
C GLY A 79 34.79 24.10 -7.46
N LEU A 80 33.77 24.98 -7.60
CA LEU A 80 32.38 24.51 -7.75
C LEU A 80 32.15 23.85 -9.11
N GLY A 81 32.84 24.32 -10.15
CA GLY A 81 32.77 23.70 -11.46
C GLY A 81 33.35 22.30 -11.45
N GLU A 82 34.50 22.12 -10.76
CA GLU A 82 35.16 20.82 -10.63
C GLU A 82 34.28 19.89 -9.80
N LEU A 83 33.63 20.41 -8.73
CA LEU A 83 32.72 19.61 -7.88
C LEU A 83 31.51 19.11 -8.66
N LEU A 84 30.93 19.92 -9.56
CA LEU A 84 29.80 19.48 -10.38
C LEU A 84 30.21 18.36 -11.32
N ARG A 85 31.44 18.41 -11.89
CA ARG A 85 31.94 17.36 -12.76
C ARG A 85 32.13 16.05 -11.97
N SER A 86 32.61 16.16 -10.73
CA SER A 86 32.84 14.99 -9.87
C SER A 86 31.56 14.29 -9.40
N LEU A 87 30.37 14.87 -9.63
CA LEU A 87 29.12 14.23 -9.20
C LEU A 87 28.80 12.98 -10.02
N SER A 88 29.23 12.94 -11.29
CA SER A 88 29.02 11.78 -12.17
C SER A 88 30.05 10.64 -11.96
N ASN A 89 30.94 10.75 -10.96
CA ASN A 89 32.04 9.83 -10.75
C ASN A 89 31.58 8.50 -10.16
N SER A 90 30.64 8.52 -9.20
CA SER A 90 30.14 7.30 -8.57
C SER A 90 28.85 6.75 -9.21
N THR A 91 28.44 7.26 -10.38
CA THR A 91 27.16 6.90 -10.99
C THR A 91 27.22 6.82 -12.52
N ALA A 92 26.19 6.24 -13.16
CA ALA A 92 26.12 6.13 -14.61
C ALA A 92 25.55 7.46 -15.15
N ARG A 93 26.45 8.34 -15.62
CA ARG A 93 26.11 9.68 -16.16
C ARG A 93 25.01 9.58 -17.24
N ASN A 94 23.94 10.38 -17.08
CA ASN A 94 22.74 10.45 -17.94
C ASN A 94 21.95 9.13 -17.99
N VAL A 95 22.10 8.25 -16.98
CA VAL A 95 21.34 7.00 -16.86
C VAL A 95 20.74 6.98 -15.42
N THR A 96 21.59 6.95 -14.36
CA THR A 96 21.16 6.98 -12.96
C THR A 96 21.38 8.36 -12.29
N TRP A 97 21.89 9.36 -13.04
CA TRP A 97 22.09 10.70 -12.53
C TRP A 97 21.93 11.69 -13.68
N LYS A 98 20.85 12.49 -13.63
CA LYS A 98 20.57 13.51 -14.63
C LYS A 98 20.40 14.81 -13.90
N LEU A 99 21.04 15.88 -14.40
CA LEU A 99 20.95 17.19 -13.79
C LEU A 99 20.91 18.25 -14.88
N GLY A 100 19.99 19.20 -14.70
CA GLY A 100 19.87 20.37 -15.56
C GLY A 100 19.70 21.59 -14.68
N SER A 101 20.27 22.73 -15.12
CA SER A 101 20.19 24.01 -14.42
C SER A 101 19.84 25.05 -15.47
N ARG A 102 18.74 25.77 -15.27
CA ARG A 102 18.24 26.75 -16.23
C ARG A 102 17.88 28.06 -15.55
N LEU A 103 18.34 29.17 -16.12
CA LEU A 103 18.03 30.50 -15.61
C LEU A 103 16.97 31.08 -16.55
N TYR A 104 15.79 31.37 -16.01
CA TYR A 104 14.68 31.93 -16.76
C TYR A 104 14.57 33.42 -16.42
N GLY A 105 14.72 34.28 -17.41
CA GLY A 105 14.57 35.72 -17.25
C GLY A 105 13.31 36.22 -17.94
N PRO A 106 12.74 37.40 -17.58
CA PRO A 106 11.54 37.88 -18.30
C PRO A 106 11.78 38.11 -19.79
N SER A 107 10.72 38.07 -20.58
CA SER A 107 10.80 38.26 -22.04
C SER A 107 11.48 39.59 -22.45
N SER A 108 11.46 40.61 -21.57
CA SER A 108 12.07 41.92 -21.82
C SER A 108 13.53 42.01 -21.31
N VAL A 109 14.17 40.87 -20.97
CA VAL A 109 15.53 40.87 -20.42
C VAL A 109 16.43 39.96 -21.29
N SER A 110 17.58 40.49 -21.75
CA SER A 110 18.54 39.72 -22.54
C SER A 110 19.77 39.45 -21.68
N PHE A 111 20.20 38.19 -21.62
CA PHE A 111 21.36 37.82 -20.81
C PHE A 111 22.65 38.28 -21.52
N ALA A 112 23.61 38.83 -20.77
CA ALA A 112 24.88 39.28 -21.33
C ALA A 112 25.68 38.07 -21.82
N GLU A 113 26.34 38.20 -22.98
CA GLU A 113 27.13 37.08 -23.54
C GLU A 113 28.26 36.67 -22.61
N ASP A 114 28.89 37.62 -21.89
CA ASP A 114 29.96 37.34 -20.94
C ASP A 114 29.47 36.38 -19.84
N PHE A 115 28.27 36.64 -19.29
CA PHE A 115 27.68 35.79 -18.27
C PHE A 115 27.30 34.40 -18.84
N VAL A 116 26.63 34.37 -20.01
CA VAL A 116 26.19 33.12 -20.64
C VAL A 116 27.38 32.17 -20.86
N ARG A 117 28.48 32.70 -21.38
CA ARG A 117 29.70 31.95 -21.66
C ARG A 117 30.33 31.33 -20.38
N SER A 118 30.51 32.15 -19.33
CA SER A 118 31.13 31.70 -18.09
C SER A 118 30.22 30.80 -17.23
N SER A 119 28.91 31.06 -17.21
CA SER A 119 27.95 30.25 -16.45
C SER A 119 27.76 28.87 -17.08
N LYS A 120 27.80 28.80 -18.41
CA LYS A 120 27.70 27.55 -19.16
C LYS A 120 28.96 26.70 -18.92
N GLN A 121 30.15 27.30 -18.89
CA GLN A 121 31.38 26.54 -18.66
C GLN A 121 31.46 26.07 -17.20
N HIS A 122 31.32 26.98 -16.22
CA HIS A 122 31.43 26.64 -14.80
C HIS A 122 30.30 25.80 -14.26
N TYR A 123 29.04 26.13 -14.61
CA TYR A 123 27.86 25.51 -14.02
C TYR A 123 26.90 24.83 -14.97
N ASN A 124 27.29 24.62 -16.24
CA ASN A 124 26.42 24.01 -17.28
C ASN A 124 25.03 24.67 -17.31
N CYS A 125 25.00 25.98 -17.07
CA CYS A 125 23.77 26.73 -16.96
C CYS A 125 23.17 27.01 -18.31
N GLU A 126 21.86 26.75 -18.46
CA GLU A 126 21.12 27.03 -19.67
C GLU A 126 20.39 28.38 -19.45
N HIS A 127 20.07 29.09 -20.53
CA HIS A 127 19.42 30.40 -20.41
C HIS A 127 18.17 30.42 -21.26
N SER A 128 17.07 30.96 -20.71
CA SER A 128 15.81 31.01 -21.42
C SER A 128 14.98 32.24 -21.01
N LYS A 129 14.09 32.66 -21.90
CA LYS A 129 13.16 33.77 -21.64
C LYS A 129 11.81 33.16 -21.26
N ILE A 130 11.05 33.86 -20.41
CA ILE A 130 9.77 33.34 -19.93
C ILE A 130 8.69 34.44 -19.97
N ASN A 131 7.53 34.12 -20.58
CA ASN A 131 6.42 35.05 -20.67
C ASN A 131 5.55 34.88 -19.44
N PHE A 132 5.80 35.72 -18.43
CA PHE A 132 5.03 35.68 -17.18
C PHE A 132 3.56 36.10 -17.36
N ARG A 133 3.16 36.64 -18.53
CA ARG A 133 1.78 37.06 -18.77
C ARG A 133 0.80 35.88 -18.55
N ASP A 134 0.86 34.82 -19.38
CA ASP A 134 0.00 33.65 -19.16
C ASP A 134 0.75 32.74 -18.19
N LYS A 135 0.28 32.65 -16.94
CA LYS A 135 0.91 31.83 -15.90
C LYS A 135 0.88 30.35 -16.28
N ARG A 136 -0.22 29.87 -16.91
CA ARG A 136 -0.33 28.48 -17.33
C ARG A 136 0.78 28.09 -18.32
N SER A 137 1.12 28.99 -19.27
CA SER A 137 2.17 28.72 -20.26
C SER A 137 3.57 28.87 -19.66
N ALA A 138 3.77 29.81 -18.72
CA ALA A 138 5.07 29.99 -18.08
C ALA A 138 5.40 28.75 -17.21
N LEU A 139 4.39 28.21 -16.50
CA LEU A 139 4.55 27.00 -15.71
C LEU A 139 4.84 25.80 -16.61
N GLN A 140 4.08 25.65 -17.71
CA GLN A 140 4.26 24.53 -18.63
C GLN A 140 5.66 24.52 -19.26
N SER A 141 6.28 25.68 -19.49
CA SER A 141 7.64 25.73 -20.05
C SER A 141 8.67 25.17 -19.05
N ILE A 142 8.54 25.54 -17.76
CA ILE A 142 9.45 25.10 -16.71
C ILE A 142 9.22 23.60 -16.42
N ASN A 143 7.94 23.19 -16.31
CA ASN A 143 7.60 21.80 -16.02
C ASN A 143 8.00 20.86 -17.16
N GLU A 144 7.81 21.26 -18.43
CA GLU A 144 8.20 20.45 -19.57
C GLU A 144 9.73 20.35 -19.66
N TRP A 145 10.46 21.42 -19.28
CA TRP A 145 11.92 21.37 -19.29
C TRP A 145 12.44 20.40 -18.20
N ALA A 146 11.87 20.43 -16.99
CA ALA A 146 12.29 19.53 -15.93
C ALA A 146 11.94 18.08 -16.28
N ALA A 147 10.75 17.87 -16.89
CA ALA A 147 10.32 16.55 -17.32
C ALA A 147 11.27 16.00 -18.38
N GLN A 148 11.67 16.81 -19.36
CA GLN A 148 12.59 16.33 -20.40
C GLN A 148 13.99 16.05 -19.83
N THR A 149 14.46 16.88 -18.88
CA THR A 149 15.77 16.73 -18.24
C THR A 149 15.87 15.38 -17.53
N THR A 150 14.76 14.95 -16.89
CA THR A 150 14.69 13.72 -16.11
C THR A 150 13.92 12.58 -16.81
N ASP A 151 13.58 12.73 -18.10
CA ASP A 151 12.82 11.76 -18.89
C ASP A 151 11.51 11.30 -18.22
N GLY A 152 10.76 12.26 -17.70
CA GLY A 152 9.47 12.02 -17.07
C GLY A 152 9.50 11.62 -15.61
N LYS A 153 10.69 11.39 -15.02
CA LYS A 153 10.78 11.01 -13.61
C LYS A 153 10.35 12.15 -12.69
N LEU A 154 10.60 13.41 -13.11
CA LEU A 154 10.17 14.59 -12.40
C LEU A 154 9.23 15.32 -13.38
N PRO A 155 7.94 14.91 -13.48
CA PRO A 155 7.07 15.52 -14.49
C PRO A 155 6.63 16.95 -14.21
N GLU A 156 6.88 17.48 -13.00
CA GLU A 156 6.44 18.81 -12.62
C GLU A 156 7.35 19.39 -11.55
N VAL A 157 7.76 20.66 -11.69
CA VAL A 157 8.57 21.36 -10.69
C VAL A 157 7.57 21.96 -9.70
N THR A 158 6.62 22.79 -10.17
CA THR A 158 5.63 23.44 -9.31
C THR A 158 4.32 23.66 -10.05
N LYS A 159 3.23 23.74 -9.28
CA LYS A 159 1.90 23.99 -9.83
C LYS A 159 1.57 25.51 -9.85
N ASP A 160 2.41 26.40 -9.24
CA ASP A 160 2.20 27.85 -9.24
C ASP A 160 3.51 28.60 -8.95
N VAL A 161 3.68 29.80 -9.54
CA VAL A 161 4.86 30.66 -9.33
C VAL A 161 4.38 31.92 -8.60
N GLU A 162 5.03 32.27 -7.47
CA GLU A 162 4.62 33.42 -6.66
C GLU A 162 5.20 34.74 -7.22
N ARG A 163 6.53 34.89 -7.24
CA ARG A 163 7.18 36.11 -7.75
C ARG A 163 7.34 35.95 -9.27
N THR A 164 6.54 36.72 -10.04
CA THR A 164 6.50 36.63 -11.50
C THR A 164 7.12 37.86 -12.19
N ASP A 165 8.32 38.29 -11.77
CA ASP A 165 8.98 39.46 -12.40
C ASP A 165 10.53 39.46 -12.43
N GLY A 166 11.19 38.60 -11.64
CA GLY A 166 12.65 38.52 -11.62
C GLY A 166 13.19 37.30 -12.31
N ALA A 167 14.43 36.92 -11.98
CA ALA A 167 15.07 35.73 -12.52
C ALA A 167 14.66 34.49 -11.72
N LEU A 168 14.39 33.39 -12.43
CA LEU A 168 13.98 32.11 -11.84
C LEU A 168 15.08 31.09 -12.14
N LEU A 169 15.84 30.66 -11.12
CA LEU A 169 16.85 29.62 -11.33
C LEU A 169 16.16 28.28 -11.03
N VAL A 170 16.23 27.32 -11.96
CA VAL A 170 15.60 26.01 -11.79
C VAL A 170 16.64 24.89 -11.95
N ASN A 171 16.76 24.02 -10.92
CA ASN A 171 17.65 22.86 -10.95
C ASN A 171 16.75 21.62 -10.91
N ALA A 172 16.79 20.79 -11.97
CA ALA A 172 15.98 19.58 -12.08
C ALA A 172 16.92 18.37 -12.06
N MET A 173 16.66 17.41 -11.17
CA MET A 173 17.52 16.25 -10.97
C MET A 173 16.78 14.95 -10.93
N PHE A 174 17.48 13.87 -11.35
CA PHE A 174 17.04 12.49 -11.19
C PHE A 174 18.25 11.73 -10.64
N PHE A 175 18.06 11.01 -9.54
CA PHE A 175 19.14 10.22 -8.96
C PHE A 175 18.56 8.90 -8.53
N LYS A 176 19.24 7.83 -8.88
CA LYS A 176 18.82 6.50 -8.55
C LYS A 176 20.02 5.75 -7.97
N PRO A 177 20.09 5.52 -6.63
CA PRO A 177 21.24 4.78 -6.10
C PRO A 177 21.28 3.33 -6.61
N HIS A 178 22.44 2.94 -7.20
CA HIS A 178 22.67 1.61 -7.74
C HIS A 178 23.44 0.86 -6.65
N TRP A 179 22.79 -0.08 -5.95
CA TRP A 179 23.40 -0.77 -4.81
C TRP A 179 24.60 -1.61 -5.20
N ASP A 180 25.59 -1.72 -4.31
CA ASP A 180 26.75 -2.58 -4.56
C ASP A 180 26.27 -4.06 -4.58
N GLU A 181 25.23 -4.40 -3.77
CA GLU A 181 24.61 -5.71 -3.77
C GLU A 181 23.11 -5.47 -4.00
N LYS A 182 22.67 -5.76 -5.21
CA LYS A 182 21.28 -5.56 -5.61
C LYS A 182 20.25 -6.28 -4.72
N PHE A 183 19.03 -5.74 -4.69
CA PHE A 183 17.87 -6.43 -4.11
C PHE A 183 17.34 -7.26 -5.29
N HIS A 184 16.77 -8.44 -5.03
CA HIS A 184 16.19 -9.25 -6.09
C HIS A 184 14.94 -8.53 -6.59
N HIS A 185 14.75 -8.45 -7.93
CA HIS A 185 13.64 -7.72 -8.53
C HIS A 185 12.23 -8.19 -8.08
N LYS A 186 12.09 -9.43 -7.59
CA LYS A 186 10.81 -9.96 -7.12
C LYS A 186 10.62 -9.82 -5.60
N MET A 187 11.64 -9.35 -4.84
CA MET A 187 11.52 -9.19 -3.39
C MET A 187 10.90 -7.86 -3.07
N VAL A 188 9.65 -7.68 -3.53
CA VAL A 188 8.90 -6.44 -3.39
C VAL A 188 7.43 -6.77 -3.05
N ASP A 189 6.82 -6.02 -2.13
CA ASP A 189 5.42 -6.23 -1.77
C ASP A 189 4.82 -4.94 -1.20
N ASN A 190 3.50 -4.89 -1.00
CA ASN A 190 2.83 -3.69 -0.50
C ASN A 190 2.78 -3.69 1.01
N ARG A 191 3.17 -2.58 1.63
CA ARG A 191 3.27 -2.43 3.08
C ARG A 191 2.72 -1.07 3.54
N GLY A 192 2.68 -0.86 4.86
CA GLY A 192 2.25 0.39 5.47
C GLY A 192 3.42 1.25 5.90
N PHE A 193 3.33 2.57 5.65
CA PHE A 193 4.32 3.54 6.09
C PHE A 193 3.58 4.42 7.10
N MET A 194 4.05 4.41 8.33
CA MET A 194 3.46 5.23 9.39
C MET A 194 4.04 6.62 9.29
N VAL A 195 3.25 7.57 8.77
CA VAL A 195 3.65 8.97 8.68
C VAL A 195 3.71 9.52 10.14
N THR A 196 2.70 9.16 10.94
CA THR A 196 2.58 9.34 12.40
C THR A 196 2.04 7.97 12.92
N ARG A 197 1.95 7.79 14.25
CA ARG A 197 1.39 6.53 14.79
C ARG A 197 -0.16 6.44 14.58
N SER A 198 -0.81 7.52 14.12
CA SER A 198 -2.26 7.53 13.85
C SER A 198 -2.58 7.73 12.32
N TYR A 199 -1.56 7.74 11.44
CA TYR A 199 -1.77 7.96 10.01
C TYR A 199 -0.79 7.10 9.23
N THR A 200 -1.31 6.10 8.52
CA THR A 200 -0.51 5.16 7.75
C THR A 200 -0.90 5.25 6.27
N VAL A 201 0.10 5.37 5.41
CA VAL A 201 -0.08 5.37 3.95
C VAL A 201 0.46 4.02 3.42
N GLY A 202 0.02 3.64 2.25
CA GLY A 202 0.44 2.40 1.62
C GLY A 202 1.64 2.70 0.74
N VAL A 203 2.65 1.83 0.77
CA VAL A 203 3.87 1.96 -0.03
C VAL A 203 4.31 0.59 -0.50
N THR A 204 4.99 0.54 -1.63
CA THR A 204 5.65 -0.68 -2.07
C THR A 204 6.98 -0.67 -1.31
N MET A 205 7.43 -1.83 -0.85
CA MET A 205 8.73 -1.96 -0.19
C MET A 205 9.56 -3.04 -0.87
N MET A 206 10.87 -2.89 -0.82
CA MET A 206 11.83 -3.87 -1.37
C MET A 206 12.58 -4.43 -0.17
N HIS A 207 12.95 -5.72 -0.22
CA HIS A 207 13.54 -6.40 0.94
C HIS A 207 14.77 -7.26 0.60
N ARG A 208 15.77 -7.25 1.49
CA ARG A 208 16.96 -8.10 1.31
C ARG A 208 17.69 -8.27 2.63
N THR A 209 18.40 -9.38 2.78
CA THR A 209 19.22 -9.63 3.96
C THR A 209 20.64 -9.78 3.45
N GLY A 210 21.56 -9.04 4.04
CA GLY A 210 22.97 -9.08 3.66
C GLY A 210 23.85 -8.56 4.77
N LEU A 211 25.14 -8.39 4.50
CA LEU A 211 26.08 -7.88 5.50
C LEU A 211 26.28 -6.41 5.30
N TYR A 212 26.02 -5.61 6.34
CA TYR A 212 26.14 -4.15 6.27
C TYR A 212 26.79 -3.61 7.52
N ASN A 213 27.51 -2.47 7.41
CA ASN A 213 28.02 -1.75 8.58
C ASN A 213 26.78 -1.17 9.28
N TYR A 214 26.65 -1.44 10.59
CA TYR A 214 25.44 -1.14 11.34
C TYR A 214 25.75 -0.72 12.77
N TYR A 215 24.92 0.16 13.32
CA TYR A 215 25.02 0.54 14.72
C TYR A 215 23.63 0.86 15.26
N ASP A 216 23.28 0.26 16.40
CA ASP A 216 22.03 0.55 17.11
C ASP A 216 22.39 1.41 18.32
N ASP A 217 22.04 2.70 18.28
CA ASP A 217 22.29 3.62 19.38
C ASP A 217 21.15 3.49 20.38
N GLU A 218 21.33 2.65 21.41
CA GLU A 218 20.29 2.40 22.42
C GLU A 218 19.96 3.64 23.24
N LYS A 219 20.96 4.47 23.57
CA LYS A 219 20.74 5.69 24.33
C LYS A 219 19.92 6.70 23.52
N GLU A 220 20.30 6.96 22.25
CA GLU A 220 19.58 7.92 21.43
C GLU A 220 18.41 7.31 20.63
N LYS A 221 18.05 6.03 20.89
CA LYS A 221 16.92 5.33 20.26
C LYS A 221 16.88 5.42 18.72
N LEU A 222 17.94 4.95 18.04
CA LEU A 222 17.97 4.95 16.58
C LEU A 222 18.87 3.89 16.03
N GLN A 223 18.59 3.47 14.81
CA GLN A 223 19.44 2.54 14.07
C GLN A 223 20.09 3.33 12.93
N ILE A 224 21.30 2.95 12.58
CA ILE A 224 22.03 3.58 11.50
C ILE A 224 22.69 2.46 10.68
N VAL A 225 22.45 2.46 9.36
CA VAL A 225 22.99 1.43 8.47
C VAL A 225 23.63 2.12 7.26
N GLU A 226 24.76 1.57 6.78
CA GLU A 226 25.45 2.09 5.61
C GLU A 226 25.26 1.06 4.51
N MET A 227 24.71 1.49 3.38
CA MET A 227 24.44 0.66 2.22
C MET A 227 25.40 1.14 1.12
N PRO A 228 26.53 0.43 0.84
CA PRO A 228 27.40 0.90 -0.24
C PRO A 228 26.70 0.87 -1.59
N LEU A 229 27.04 1.83 -2.44
CA LEU A 229 26.54 1.90 -3.80
C LEU A 229 27.62 1.29 -4.73
N ALA A 230 27.33 1.16 -6.05
CA ALA A 230 28.18 0.50 -7.04
C ALA A 230 29.68 0.63 -6.82
N HIS A 231 30.38 -0.53 -6.70
CA HIS A 231 31.83 -0.61 -6.49
C HIS A 231 32.33 0.16 -5.28
N LYS A 232 31.46 0.42 -4.30
CA LYS A 232 31.77 1.18 -3.09
C LYS A 232 32.39 2.56 -3.41
N LEU A 233 32.06 3.13 -4.59
CA LEU A 233 32.50 4.48 -4.97
C LEU A 233 31.68 5.55 -4.21
N SER A 234 30.56 5.16 -3.62
CA SER A 234 29.71 6.00 -2.79
C SER A 234 28.92 5.07 -1.83
N SER A 235 28.29 5.65 -0.82
CA SER A 235 27.45 4.90 0.10
C SER A 235 26.27 5.74 0.55
N LEU A 236 25.16 5.07 0.85
CA LEU A 236 23.95 5.68 1.32
C LEU A 236 23.77 5.26 2.78
N ILE A 237 23.70 6.23 3.69
CA ILE A 237 23.54 5.96 5.12
C ILE A 237 22.12 6.38 5.55
N ILE A 238 21.42 5.52 6.32
CA ILE A 238 20.06 5.82 6.78
C ILE A 238 20.08 5.87 8.31
N LEU A 239 19.47 6.91 8.89
CA LEU A 239 19.35 7.08 10.32
C LEU A 239 17.85 7.07 10.59
N MET A 240 17.35 6.05 11.30
CA MET A 240 15.91 5.93 11.56
C MET A 240 15.64 5.75 13.05
N PRO A 241 14.75 6.55 13.70
CA PRO A 241 14.45 6.28 15.12
C PRO A 241 13.83 4.91 15.34
N HIS A 242 13.96 4.36 16.55
CA HIS A 242 13.36 3.06 16.88
C HIS A 242 11.82 3.15 16.76
N HIS A 243 11.23 4.23 17.29
CA HIS A 243 9.79 4.46 17.26
C HIS A 243 9.40 5.45 16.16
N VAL A 244 8.14 5.34 15.69
CA VAL A 244 7.64 6.30 14.71
C VAL A 244 7.44 7.63 15.47
N GLU A 245 8.18 8.66 15.10
CA GLU A 245 8.15 9.94 15.82
C GLU A 245 8.54 11.08 14.90
N PRO A 246 8.24 12.37 15.24
CA PRO A 246 8.76 13.46 14.39
C PRO A 246 10.30 13.45 14.41
N LEU A 247 10.93 13.79 13.29
CA LEU A 247 12.38 13.73 13.19
C LEU A 247 13.12 14.86 13.92
N GLU A 248 12.39 15.87 14.47
CA GLU A 248 12.99 16.99 15.22
C GLU A 248 14.09 16.57 16.22
N ARG A 249 13.82 15.55 17.05
CA ARG A 249 14.75 15.08 18.06
C ARG A 249 16.04 14.55 17.43
N LEU A 250 15.92 13.68 16.41
CA LEU A 250 17.08 13.13 15.73
C LEU A 250 17.86 14.20 14.97
N GLU A 251 17.15 15.18 14.40
CA GLU A 251 17.77 16.29 13.66
C GLU A 251 18.65 17.14 14.57
N LYS A 252 18.34 17.24 15.88
CA LYS A 252 19.20 17.96 16.82
C LYS A 252 20.57 17.28 16.94
N LEU A 253 20.61 15.94 16.84
CA LEU A 253 21.85 15.18 16.89
C LEU A 253 22.61 15.15 15.56
N LEU A 254 22.17 15.90 14.54
CA LEU A 254 22.76 15.85 13.21
C LEU A 254 23.97 16.79 13.05
N THR A 255 25.10 16.44 13.70
CA THR A 255 26.35 17.20 13.59
C THR A 255 27.45 16.32 13.00
N LYS A 256 28.50 16.94 12.43
CA LYS A 256 29.64 16.16 11.89
C LYS A 256 30.32 15.35 13.00
N GLU A 257 30.37 15.90 14.21
CA GLU A 257 30.97 15.25 15.38
C GLU A 257 30.18 13.98 15.73
N GLN A 258 28.85 14.06 15.79
CA GLN A 258 28.00 12.91 16.11
C GLN A 258 27.99 11.89 14.97
N LEU A 259 28.01 12.35 13.72
CA LEU A 259 28.02 11.45 12.58
C LEU A 259 29.35 10.67 12.56
N LYS A 260 30.48 11.35 12.83
CA LYS A 260 31.80 10.72 12.95
C LYS A 260 31.81 9.68 14.09
N ILE A 261 31.18 10.00 15.23
CA ILE A 261 31.04 9.09 16.37
C ILE A 261 30.23 7.83 15.97
N TRP A 262 29.05 8.02 15.35
CA TRP A 262 28.21 6.89 14.91
C TRP A 262 28.91 6.03 13.88
N MET A 263 29.66 6.64 12.94
CA MET A 263 30.40 5.90 11.92
C MET A 263 31.48 5.00 12.57
N GLY A 264 32.15 5.50 13.60
CA GLY A 264 33.19 4.74 14.32
C GLY A 264 32.69 3.51 15.06
N LYS A 265 31.43 3.51 15.54
CA LYS A 265 30.87 2.36 16.27
C LYS A 265 30.17 1.33 15.37
N MET A 266 30.13 1.55 14.03
CA MET A 266 29.47 0.60 13.13
C MET A 266 30.31 -0.67 12.95
N GLN A 267 29.63 -1.82 12.95
CA GLN A 267 30.25 -3.13 12.75
C GLN A 267 29.47 -3.85 11.63
N LYS A 268 30.18 -4.64 10.82
CA LYS A 268 29.55 -5.36 9.72
C LYS A 268 28.75 -6.52 10.32
N LYS A 269 27.43 -6.44 10.23
CA LYS A 269 26.52 -7.45 10.76
C LYS A 269 25.47 -7.84 9.69
N ALA A 270 24.78 -8.96 9.90
CA ALA A 270 23.70 -9.37 8.99
C ALA A 270 22.52 -8.47 9.32
N VAL A 271 21.98 -7.78 8.31
CA VAL A 271 20.85 -6.88 8.49
C VAL A 271 19.77 -7.23 7.47
N ALA A 272 18.53 -7.36 7.93
CA ALA A 272 17.35 -7.59 7.10
C ALA A 272 16.80 -6.20 6.80
N ILE A 273 17.11 -5.66 5.63
CA ILE A 273 16.69 -4.32 5.23
C ILE A 273 15.41 -4.33 4.38
N SER A 274 14.44 -3.47 4.72
CA SER A 274 13.23 -3.24 3.96
C SER A 274 13.15 -1.74 3.76
N LEU A 275 13.06 -1.28 2.49
CA LEU A 275 13.00 0.15 2.19
C LEU A 275 11.81 0.45 1.30
N PRO A 276 11.18 1.65 1.36
CA PRO A 276 10.15 1.97 0.36
C PRO A 276 10.75 1.97 -1.06
N LYS A 277 10.02 1.43 -2.04
CA LYS A 277 10.42 1.36 -3.42
C LYS A 277 9.56 2.37 -4.20
N GLY A 278 10.19 3.16 -5.04
CA GLY A 278 9.50 4.13 -5.88
C GLY A 278 10.24 5.45 -6.01
N VAL A 279 9.65 6.39 -6.77
CA VAL A 279 10.21 7.72 -6.98
C VAL A 279 9.69 8.70 -5.93
N VAL A 280 10.59 9.38 -5.22
CA VAL A 280 10.20 10.42 -4.28
C VAL A 280 10.49 11.74 -5.02
N GLU A 281 9.43 12.51 -5.34
CA GLU A 281 9.55 13.79 -6.03
C GLU A 281 9.48 14.90 -4.99
N VAL A 282 10.54 15.72 -4.86
CA VAL A 282 10.59 16.79 -3.88
C VAL A 282 10.99 18.09 -4.56
N THR A 283 10.17 19.15 -4.43
CA THR A 283 10.51 20.47 -4.95
C THR A 283 10.60 21.45 -3.81
N HIS A 284 11.70 22.21 -3.75
CA HIS A 284 11.89 23.26 -2.77
C HIS A 284 12.19 24.57 -3.52
N ASP A 285 11.69 25.68 -3.00
CA ASP A 285 12.05 27.00 -3.48
C ASP A 285 12.96 27.45 -2.36
N LEU A 286 14.27 27.45 -2.61
CA LEU A 286 15.26 27.80 -1.60
C LEU A 286 15.44 29.31 -1.43
N GLN A 287 14.66 30.15 -2.12
CA GLN A 287 14.82 31.61 -2.03
C GLN A 287 14.67 32.14 -0.59
N LYS A 288 13.57 31.83 0.10
CA LYS A 288 13.35 32.32 1.47
C LYS A 288 14.32 31.72 2.50
N HIS A 289 14.74 30.46 2.31
CA HIS A 289 15.66 29.83 3.26
C HIS A 289 17.10 30.32 3.07
N LEU A 290 17.54 30.56 1.82
CA LEU A 290 18.88 31.08 1.57
C LEU A 290 18.97 32.54 2.07
N ALA A 291 17.89 33.32 1.95
CA ALA A 291 17.84 34.70 2.45
C ALA A 291 17.98 34.70 3.98
N GLY A 292 17.30 33.75 4.66
CA GLY A 292 17.38 33.59 6.11
C GLY A 292 18.75 33.24 6.63
N LEU A 293 19.67 32.77 5.75
CA LEU A 293 21.05 32.44 6.12
C LEU A 293 22.07 33.53 5.69
N GLY A 294 21.62 34.64 5.08
CA GLY A 294 22.51 35.73 4.68
C GLY A 294 22.45 36.20 3.23
N LEU A 295 21.46 35.74 2.42
CA LEU A 295 21.33 36.16 1.01
C LEU A 295 20.15 37.12 0.91
N THR A 296 20.24 38.27 1.59
CA THR A 296 19.17 39.27 1.60
C THR A 296 19.21 40.21 0.38
N GLU A 297 20.41 40.58 -0.09
CA GLU A 297 20.56 41.51 -1.23
C GLU A 297 20.03 40.93 -2.55
N ALA A 298 20.46 39.71 -2.94
CA ALA A 298 20.06 39.11 -4.21
C ALA A 298 18.55 38.89 -4.35
N ILE A 299 17.85 38.60 -3.25
CA ILE A 299 16.41 38.31 -3.30
C ILE A 299 15.51 39.57 -3.22
N ASP A 300 16.09 40.77 -2.93
CA ASP A 300 15.32 42.01 -2.80
C ASP A 300 15.14 42.73 -4.14
N LYS A 301 13.90 43.10 -4.48
CA LYS A 301 13.56 43.79 -5.74
C LYS A 301 14.33 45.11 -5.99
N ASN A 302 14.77 45.80 -4.93
CA ASN A 302 15.46 47.09 -5.05
C ASN A 302 16.99 46.99 -4.82
N LYS A 303 17.44 46.27 -3.78
CA LYS A 303 18.88 46.17 -3.48
C LYS A 303 19.67 45.17 -4.36
N ALA A 304 19.01 44.31 -5.17
CA ALA A 304 19.73 43.32 -5.97
C ALA A 304 20.60 43.91 -7.10
N ASP A 305 21.89 43.56 -7.11
CA ASP A 305 22.81 44.02 -8.15
C ASP A 305 23.24 42.80 -9.00
N LEU A 306 22.44 42.49 -10.03
CA LEU A 306 22.72 41.40 -10.98
C LEU A 306 23.10 42.01 -12.33
N SER A 307 23.95 43.05 -12.32
CA SER A 307 24.39 43.75 -13.53
C SER A 307 25.34 42.92 -14.39
N ARG A 308 26.14 41.99 -13.80
CA ARG A 308 27.01 41.12 -14.62
C ARG A 308 26.18 40.08 -15.42
N MET A 309 24.99 39.71 -14.91
CA MET A 309 24.10 38.74 -15.54
C MET A 309 23.36 39.31 -16.76
N SER A 310 22.77 40.53 -16.65
CA SER A 310 21.98 41.14 -17.72
C SER A 310 22.54 42.42 -18.35
N GLY A 311 23.38 43.17 -17.64
CA GLY A 311 23.96 44.41 -18.14
C GLY A 311 23.45 45.62 -17.38
N LYS A 312 22.17 45.58 -16.96
CA LYS A 312 21.53 46.63 -16.19
C LYS A 312 20.95 46.07 -14.88
N LYS A 313 20.63 46.94 -13.90
CA LYS A 313 20.03 46.52 -12.63
C LYS A 313 18.51 46.32 -12.79
N ASP A 314 18.12 45.45 -13.73
CA ASP A 314 16.72 45.13 -14.04
C ASP A 314 16.37 43.67 -13.64
N LEU A 315 17.14 43.06 -12.73
CA LEU A 315 16.92 41.66 -12.36
C LEU A 315 17.21 41.43 -10.88
N TYR A 316 16.34 40.63 -10.24
CA TYR A 316 16.49 40.22 -8.84
C TYR A 316 16.20 38.69 -8.78
N LEU A 317 16.80 37.99 -7.83
CA LEU A 317 16.61 36.55 -7.69
C LEU A 317 15.22 36.24 -7.09
N ALA A 318 14.24 35.94 -7.97
CA ALA A 318 12.87 35.65 -7.55
C ALA A 318 12.71 34.25 -6.95
N SER A 319 13.33 33.22 -7.56
CA SER A 319 13.22 31.84 -7.07
C SER A 319 14.47 31.02 -7.32
N VAL A 320 14.72 30.01 -6.47
CA VAL A 320 15.83 29.06 -6.60
C VAL A 320 15.19 27.69 -6.42
N PHE A 321 14.59 27.17 -7.49
CA PHE A 321 13.93 25.87 -7.43
C PHE A 321 14.98 24.78 -7.46
N HIS A 322 14.86 23.85 -6.50
CA HIS A 322 15.72 22.69 -6.34
C HIS A 322 14.75 21.53 -6.34
N ALA A 323 14.53 20.92 -7.52
CA ALA A 323 13.58 19.82 -7.70
C ALA A 323 14.31 18.50 -8.02
N THR A 324 14.03 17.42 -7.25
CA THR A 324 14.69 16.10 -7.42
C THR A 324 13.71 14.94 -7.45
N ALA A 325 13.94 13.97 -8.33
CA ALA A 325 13.24 12.69 -8.38
C ALA A 325 14.28 11.70 -7.88
N PHE A 326 14.15 11.22 -6.64
CA PHE A 326 15.11 10.27 -6.05
C PHE A 326 14.43 8.91 -6.09
N GLU A 327 14.96 7.98 -6.90
CA GLU A 327 14.31 6.68 -7.08
C GLU A 327 14.95 5.57 -6.27
N TRP A 328 14.13 4.92 -5.42
CA TRP A 328 14.53 3.77 -4.62
C TRP A 328 14.09 2.57 -5.44
N ASP A 329 15.03 1.78 -5.95
CA ASP A 329 14.73 0.63 -6.79
C ASP A 329 15.62 -0.54 -6.38
N THR A 330 15.28 -1.73 -6.87
CA THR A 330 16.01 -2.93 -6.50
C THR A 330 17.36 -3.09 -7.16
N GLU A 331 17.56 -2.43 -8.31
CA GLU A 331 18.73 -2.69 -9.12
C GLU A 331 20.07 -2.27 -8.49
N GLY A 332 21.08 -3.10 -8.76
CA GLY A 332 22.43 -2.94 -8.29
C GLY A 332 23.38 -3.92 -8.96
N ASN A 333 24.57 -4.09 -8.41
CA ASN A 333 25.54 -5.03 -8.97
C ASN A 333 25.18 -6.46 -8.51
N PRO A 334 25.44 -7.50 -9.35
CA PRO A 334 25.19 -8.87 -8.89
C PRO A 334 26.20 -9.32 -7.84
N PHE A 335 25.86 -10.38 -7.12
CA PHE A 335 26.73 -10.93 -6.07
C PHE A 335 26.59 -12.46 -6.00
N ASP A 336 27.51 -13.12 -5.31
CA ASP A 336 27.49 -14.58 -5.18
C ASP A 336 26.38 -14.96 -4.20
N GLN A 337 25.39 -15.74 -4.68
CA GLN A 337 24.27 -16.16 -3.84
C GLN A 337 24.68 -17.13 -2.72
N ASP A 338 25.89 -17.72 -2.80
CA ASP A 338 26.39 -18.62 -1.77
C ASP A 338 26.66 -17.89 -0.44
N ILE A 339 26.63 -16.54 -0.41
CA ILE A 339 26.72 -15.78 0.85
C ILE A 339 25.47 -16.08 1.74
N TYR A 340 24.33 -16.52 1.14
CA TYR A 340 23.14 -16.93 1.89
C TYR A 340 23.35 -18.26 2.61
N GLY A 341 24.27 -19.11 2.13
CA GLY A 341 24.60 -20.36 2.79
C GLY A 341 25.76 -20.21 3.77
N ARG A 342 25.78 -19.10 4.54
CA ARG A 342 26.83 -18.79 5.52
C ARG A 342 26.21 -18.46 6.87
N GLU A 343 26.81 -18.95 7.97
CA GLU A 343 26.34 -18.79 9.35
C GLU A 343 26.08 -17.35 9.81
N GLU A 344 26.86 -16.38 9.29
CA GLU A 344 26.69 -14.97 9.65
C GLU A 344 25.23 -14.42 9.55
N LEU A 345 24.42 -14.89 8.57
CA LEU A 345 23.03 -14.45 8.41
C LEU A 345 22.02 -15.20 9.32
N ARG A 346 22.48 -15.85 10.41
CA ARG A 346 21.59 -16.63 11.29
C ARG A 346 20.50 -15.84 12.03
N SER A 347 20.85 -14.69 12.60
CA SER A 347 19.90 -13.87 13.35
C SER A 347 20.15 -12.40 12.97
N PRO A 348 19.62 -11.94 11.81
CA PRO A 348 19.93 -10.56 11.39
C PRO A 348 19.23 -9.47 12.19
N LYS A 349 19.83 -8.28 12.17
CA LYS A 349 19.24 -7.10 12.78
C LYS A 349 18.12 -6.67 11.85
N LEU A 350 17.03 -6.15 12.38
CA LEU A 350 15.88 -5.76 11.57
C LEU A 350 15.86 -4.26 11.36
N PHE A 351 16.01 -3.82 10.09
CA PHE A 351 15.97 -2.41 9.70
C PHE A 351 14.79 -2.29 8.75
N TYR A 352 13.59 -2.11 9.32
CA TYR A 352 12.33 -2.06 8.59
C TYR A 352 11.89 -0.61 8.47
N ALA A 353 12.24 0.06 7.36
CA ALA A 353 11.96 1.49 7.20
C ALA A 353 10.51 1.82 6.85
N ASP A 354 9.59 1.63 7.81
CA ASP A 354 8.16 1.89 7.66
C ASP A 354 7.70 3.16 8.41
N HIS A 355 8.62 4.09 8.70
CA HIS A 355 8.30 5.32 9.40
C HIS A 355 9.38 6.39 9.09
N PRO A 356 9.16 7.71 9.33
CA PRO A 356 10.15 8.71 8.86
C PRO A 356 11.62 8.43 9.23
N PHE A 357 12.53 8.74 8.27
CA PHE A 357 13.99 8.53 8.43
C PHE A 357 14.77 9.60 7.67
N ILE A 358 16.04 9.78 8.07
CA ILE A 358 16.98 10.71 7.45
C ILE A 358 17.94 9.84 6.64
N PHE A 359 18.36 10.33 5.48
CA PHE A 359 19.30 9.61 4.65
C PHE A 359 20.30 10.56 4.05
N LEU A 360 21.48 10.04 3.74
CA LEU A 360 22.52 10.82 3.11
C LEU A 360 23.36 9.96 2.19
N VAL A 361 23.77 10.51 1.05
CA VAL A 361 24.59 9.80 0.09
C VAL A 361 25.94 10.50 0.08
N ARG A 362 27.03 9.76 0.25
CA ARG A 362 28.37 10.33 0.30
C ARG A 362 29.30 9.70 -0.74
N ASP A 363 30.06 10.53 -1.49
CA ASP A 363 31.05 10.06 -2.45
C ASP A 363 32.23 9.54 -1.63
N THR A 364 32.61 8.27 -1.78
CA THR A 364 33.68 7.65 -1.01
C THR A 364 35.08 8.15 -1.44
N GLN A 365 35.27 8.39 -2.75
CA GLN A 365 36.57 8.84 -3.25
C GLN A 365 36.93 10.25 -2.74
N SER A 366 36.04 11.23 -2.95
CA SER A 366 36.27 12.62 -2.51
C SER A 366 35.75 12.98 -1.11
N GLY A 367 34.99 12.08 -0.46
CA GLY A 367 34.40 12.39 0.85
C GLY A 367 33.24 13.39 0.81
N SER A 368 32.93 13.91 -0.39
CA SER A 368 31.91 14.94 -0.62
C SER A 368 30.51 14.37 -0.40
N LEU A 369 29.62 15.14 0.21
CA LEU A 369 28.23 14.72 0.44
C LEU A 369 27.42 14.98 -0.85
N LEU A 370 26.84 13.94 -1.44
CA LEU A 370 26.07 14.05 -2.69
C LEU A 370 24.59 14.41 -2.46
N PHE A 371 23.94 13.82 -1.43
CA PHE A 371 22.56 14.13 -1.10
C PHE A 371 22.31 14.07 0.39
N ILE A 372 21.39 14.90 0.86
CA ILE A 372 20.89 14.84 2.23
C ILE A 372 19.38 15.07 2.12
N GLY A 373 18.62 14.24 2.82
CA GLY A 373 17.18 14.37 2.83
C GLY A 373 16.53 13.55 3.90
N ARG A 374 15.22 13.62 3.92
CA ARG A 374 14.41 12.85 4.83
C ARG A 374 13.13 12.42 4.11
N LEU A 375 12.59 11.24 4.47
CA LEU A 375 11.33 10.76 3.92
C LEU A 375 10.34 10.73 5.07
N VAL A 376 9.38 11.65 5.04
CA VAL A 376 8.33 11.80 6.04
C VAL A 376 6.97 11.29 5.49
N ARG A 377 6.63 11.66 4.25
CA ARG A 377 5.36 11.31 3.66
C ARG A 377 5.57 10.80 2.22
N PRO A 378 5.61 9.46 2.00
CA PRO A 378 5.76 8.97 0.61
C PRO A 378 4.51 9.34 -0.20
N LYS A 379 4.71 9.84 -1.44
CA LYS A 379 3.69 10.36 -2.36
C LYS A 379 2.21 9.98 -2.04
N GLY A 380 1.85 8.69 -2.06
CA GLY A 380 0.48 8.23 -1.79
C GLY A 380 -0.26 7.64 -2.98
N ASP A 381 0.43 7.48 -4.14
CA ASP A 381 -0.12 6.87 -5.34
C ASP A 381 0.93 6.09 -6.17
N LYS A 382 2.12 5.76 -5.58
CA LYS A 382 3.19 5.01 -6.25
C LYS A 382 3.20 3.51 -5.87
N MET A 383 2.11 2.98 -5.30
CA MET A 383 2.02 1.57 -4.89
C MET A 383 1.57 0.69 -6.07
N ARG A 384 2.04 -0.56 -6.12
CA ARG A 384 1.67 -1.50 -7.18
C ARG A 384 0.29 -2.09 -6.87
N GLY B 3 -39.99 -11.13 -6.63
CA GLY B 3 -41.04 -11.70 -5.79
C GLY B 3 -40.55 -12.20 -4.45
N ALA B 4 -40.85 -13.49 -4.13
CA ALA B 4 -40.47 -14.14 -2.86
C ALA B 4 -40.34 -15.68 -3.04
N LEU B 5 -39.66 -16.35 -2.10
CA LEU B 5 -39.40 -17.79 -2.17
C LEU B 5 -40.59 -18.63 -1.76
N SER B 6 -40.66 -19.86 -2.31
CA SER B 6 -41.70 -20.82 -1.94
C SER B 6 -41.41 -21.37 -0.53
N PRO B 7 -42.40 -21.94 0.22
CA PRO B 7 -42.08 -22.46 1.57
C PRO B 7 -40.88 -23.40 1.63
N LYS B 8 -40.74 -24.33 0.67
CA LYS B 8 -39.61 -25.26 0.67
C LYS B 8 -38.26 -24.54 0.43
N ALA B 9 -38.20 -23.59 -0.52
CA ALA B 9 -36.99 -22.81 -0.77
C ALA B 9 -36.66 -21.89 0.42
N ALA B 10 -37.68 -21.39 1.14
CA ALA B 10 -37.48 -20.55 2.32
C ALA B 10 -36.85 -21.37 3.46
N THR B 11 -37.29 -22.62 3.68
CA THR B 11 -36.68 -23.45 4.74
C THR B 11 -35.24 -23.80 4.35
N LEU B 12 -34.97 -24.04 3.05
CA LEU B 12 -33.62 -24.32 2.58
C LEU B 12 -32.71 -23.09 2.60
N ALA B 13 -33.26 -21.87 2.55
CA ALA B 13 -32.46 -20.64 2.68
C ALA B 13 -31.95 -20.59 4.14
N GLU B 14 -32.80 -20.92 5.11
CA GLU B 14 -32.45 -20.98 6.54
C GLU B 14 -31.42 -22.08 6.79
N ARG B 15 -31.61 -23.26 6.18
CA ARG B 15 -30.68 -24.38 6.36
C ARG B 15 -29.31 -24.08 5.73
N SER B 16 -29.29 -23.47 4.52
CA SER B 16 -28.04 -23.08 3.86
C SER B 16 -27.29 -22.07 4.74
N ALA B 17 -28.00 -21.07 5.30
CA ALA B 17 -27.37 -20.09 6.19
C ALA B 17 -26.77 -20.78 7.42
N GLY B 18 -27.53 -21.67 8.06
CA GLY B 18 -27.09 -22.45 9.21
C GLY B 18 -25.85 -23.27 8.94
N LEU B 19 -25.83 -23.95 7.79
CA LEU B 19 -24.66 -24.72 7.38
C LEU B 19 -23.45 -23.78 7.15
N ALA B 20 -23.65 -22.64 6.43
CA ALA B 20 -22.56 -21.71 6.15
C ALA B 20 -21.91 -21.18 7.43
N PHE B 21 -22.68 -20.87 8.49
CA PHE B 21 -22.12 -20.45 9.77
C PHE B 21 -21.32 -21.58 10.42
N SER B 22 -21.83 -22.82 10.41
CA SER B 22 -21.11 -23.97 10.98
C SER B 22 -19.81 -24.22 10.22
N LEU B 23 -19.84 -24.07 8.88
CA LEU B 23 -18.66 -24.25 8.03
C LEU B 23 -17.66 -23.12 8.28
N TYR B 24 -18.15 -21.88 8.41
CA TYR B 24 -17.33 -20.72 8.72
C TYR B 24 -16.63 -20.93 10.07
N GLN B 25 -17.37 -21.38 11.11
CA GLN B 25 -16.79 -21.61 12.45
C GLN B 25 -15.73 -22.71 12.43
N ALA B 26 -15.97 -23.80 11.69
CA ALA B 26 -14.99 -24.88 11.56
C ALA B 26 -13.73 -24.40 10.84
N MET B 27 -13.89 -23.53 9.84
CA MET B 27 -12.75 -23.00 9.08
C MET B 27 -12.01 -21.94 9.90
N ALA B 28 -12.73 -21.13 10.68
CA ALA B 28 -12.09 -20.12 11.51
C ALA B 28 -11.20 -20.75 12.61
N LYS B 29 -11.52 -21.99 13.06
CA LYS B 29 -10.71 -22.70 14.06
C LYS B 29 -9.36 -23.15 13.46
N ASP B 30 -9.30 -23.41 12.14
CA ASP B 30 -8.07 -23.84 11.46
C ASP B 30 -7.07 -22.65 11.37
N GLN B 31 -5.84 -22.84 11.85
CA GLN B 31 -4.82 -21.79 11.87
C GLN B 31 -4.28 -21.47 10.47
N ALA B 32 -4.35 -22.43 9.53
CA ALA B 32 -3.91 -22.18 8.15
C ALA B 32 -4.89 -21.28 7.37
N VAL B 33 -6.18 -21.23 7.79
CA VAL B 33 -7.21 -20.43 7.12
C VAL B 33 -7.05 -18.95 7.45
N GLU B 34 -6.96 -18.09 6.42
CA GLU B 34 -6.80 -16.65 6.61
C GLU B 34 -8.15 -15.97 6.20
N ASN B 35 -8.40 -15.62 4.92
CA ASN B 35 -9.66 -15.01 4.52
C ASN B 35 -10.71 -16.10 4.32
N ILE B 36 -11.96 -15.79 4.58
CA ILE B 36 -13.06 -16.74 4.38
C ILE B 36 -14.09 -16.07 3.49
N LEU B 37 -14.66 -16.82 2.55
CA LEU B 37 -15.72 -16.31 1.69
C LEU B 37 -16.60 -17.47 1.23
N LEU B 38 -17.83 -17.50 1.72
CA LEU B 38 -18.75 -18.59 1.44
C LEU B 38 -20.09 -18.07 0.99
N SER B 39 -20.66 -18.69 -0.03
CA SER B 39 -21.98 -18.39 -0.52
C SER B 39 -22.86 -19.54 0.04
N PRO B 40 -23.75 -19.29 1.01
CA PRO B 40 -24.54 -20.40 1.57
C PRO B 40 -25.24 -21.31 0.56
N VAL B 41 -25.92 -20.74 -0.45
CA VAL B 41 -26.65 -21.52 -1.46
C VAL B 41 -25.69 -22.36 -2.33
N VAL B 42 -24.46 -21.89 -2.60
CA VAL B 42 -23.51 -22.66 -3.44
C VAL B 42 -22.92 -23.81 -2.60
N VAL B 43 -22.63 -23.57 -1.32
CA VAL B 43 -22.13 -24.61 -0.40
C VAL B 43 -23.22 -25.71 -0.28
N ALA B 44 -24.48 -25.30 -0.07
CA ALA B 44 -25.61 -26.22 0.02
C ALA B 44 -25.80 -26.98 -1.29
N SER B 45 -25.73 -26.29 -2.45
CA SER B 45 -25.89 -26.95 -3.75
C SER B 45 -24.82 -28.04 -4.00
N SER B 46 -23.62 -27.89 -3.39
CA SER B 46 -22.57 -28.89 -3.49
C SER B 46 -22.99 -30.17 -2.75
N LEU B 47 -23.66 -30.04 -1.59
CA LEU B 47 -24.20 -31.19 -0.86
C LEU B 47 -25.42 -31.78 -1.58
N GLY B 48 -26.18 -30.95 -2.29
CA GLY B 48 -27.30 -31.40 -3.09
C GLY B 48 -26.83 -32.21 -4.29
N LEU B 49 -25.67 -31.86 -4.86
CA LEU B 49 -25.09 -32.63 -5.97
C LEU B 49 -24.58 -33.99 -5.50
N VAL B 50 -24.06 -34.07 -4.26
CA VAL B 50 -23.60 -35.34 -3.68
C VAL B 50 -24.83 -36.24 -3.43
N SER B 51 -25.96 -35.67 -2.97
CA SER B 51 -27.19 -36.42 -2.77
C SER B 51 -27.80 -36.90 -4.07
N LEU B 52 -27.73 -36.07 -5.10
CA LEU B 52 -28.30 -36.38 -6.41
C LEU B 52 -27.53 -37.52 -7.11
N GLY B 53 -26.20 -37.46 -7.04
CA GLY B 53 -25.34 -38.48 -7.62
C GLY B 53 -24.79 -39.47 -6.60
N GLY B 54 -25.52 -39.68 -5.50
CA GLY B 54 -25.11 -40.57 -4.43
C GLY B 54 -26.21 -41.53 -4.02
N LYS B 55 -25.85 -42.60 -3.28
CA LYS B 55 -26.81 -43.61 -2.85
C LYS B 55 -26.65 -43.97 -1.37
N ALA B 56 -27.76 -44.46 -0.77
CA ALA B 56 -27.87 -44.94 0.60
C ALA B 56 -27.22 -43.92 1.66
N THR B 57 -26.13 -44.23 2.44
CA THR B 57 -25.59 -43.29 3.43
C THR B 57 -24.75 -42.17 2.82
N THR B 58 -24.25 -42.32 1.58
CA THR B 58 -23.49 -41.24 0.93
C THR B 58 -24.44 -40.04 0.72
N ALA B 59 -25.65 -40.31 0.21
CA ALA B 59 -26.66 -39.28 -0.01
C ALA B 59 -27.37 -38.83 1.27
N SER B 60 -27.60 -39.74 2.24
CA SER B 60 -28.29 -39.36 3.48
C SER B 60 -27.41 -38.46 4.36
N GLN B 61 -26.09 -38.70 4.38
CA GLN B 61 -25.16 -37.85 5.15
C GLN B 61 -25.09 -36.45 4.54
N ALA B 62 -25.26 -36.30 3.22
CA ALA B 62 -25.27 -34.99 2.58
C ALA B 62 -26.47 -34.17 3.09
N LYS B 63 -27.65 -34.80 3.22
CA LYS B 63 -28.84 -34.13 3.75
C LYS B 63 -28.67 -33.85 5.25
N ALA B 64 -27.98 -34.74 5.99
CA ALA B 64 -27.72 -34.56 7.41
C ALA B 64 -26.84 -33.35 7.70
N VAL B 65 -25.82 -33.10 6.85
CA VAL B 65 -24.93 -31.94 7.02
C VAL B 65 -25.74 -30.63 6.82
N LEU B 66 -26.70 -30.64 5.87
CA LEU B 66 -27.58 -29.48 5.61
C LEU B 66 -28.74 -29.34 6.65
N SER B 67 -28.90 -30.32 7.57
CA SER B 67 -30.00 -30.39 8.53
C SER B 67 -31.34 -30.47 7.80
N ALA B 68 -31.38 -31.31 6.74
CA ALA B 68 -32.57 -31.50 5.92
C ALA B 68 -32.98 -32.99 5.97
N GLU B 69 -33.25 -33.49 7.18
CA GLU B 69 -33.62 -34.91 7.36
C GLU B 69 -35.09 -35.09 6.98
N GLN B 70 -35.97 -34.20 7.49
CA GLN B 70 -37.42 -34.26 7.25
C GLN B 70 -37.86 -33.69 5.91
N LEU B 71 -36.95 -33.56 4.92
CA LEU B 71 -37.29 -33.03 3.59
C LEU B 71 -37.09 -34.14 2.57
N ARG B 72 -38.07 -34.31 1.65
CA ARG B 72 -37.96 -35.31 0.60
C ARG B 72 -36.86 -34.91 -0.40
N ASP B 73 -36.25 -35.90 -1.09
CA ASP B 73 -35.20 -35.60 -2.06
C ASP B 73 -35.62 -34.58 -3.12
N GLU B 74 -36.85 -34.67 -3.65
CA GLU B 74 -37.36 -33.72 -4.63
C GLU B 74 -37.43 -32.31 -4.02
N GLU B 75 -37.87 -32.19 -2.76
CA GLU B 75 -37.96 -30.89 -2.08
C GLU B 75 -36.59 -30.23 -1.91
N VAL B 76 -35.53 -31.00 -1.62
CA VAL B 76 -34.17 -30.47 -1.44
C VAL B 76 -33.64 -29.92 -2.78
N HIS B 77 -33.74 -30.70 -3.87
CA HIS B 77 -33.22 -30.27 -5.18
C HIS B 77 -34.02 -29.13 -5.81
N ALA B 78 -35.35 -29.15 -5.72
CA ALA B 78 -36.19 -28.10 -6.29
C ALA B 78 -36.03 -26.79 -5.50
N GLY B 79 -35.96 -26.90 -4.18
CA GLY B 79 -35.77 -25.73 -3.32
C GLY B 79 -34.41 -25.08 -3.52
N LEU B 80 -33.32 -25.87 -3.54
CA LEU B 80 -31.99 -25.31 -3.78
C LEU B 80 -31.87 -24.76 -5.21
N GLY B 81 -32.55 -25.37 -6.18
CA GLY B 81 -32.57 -24.89 -7.55
C GLY B 81 -33.26 -23.56 -7.69
N GLU B 82 -34.40 -23.38 -6.99
CA GLU B 82 -35.13 -22.11 -6.94
C GLU B 82 -34.27 -21.04 -6.25
N LEU B 83 -33.57 -21.41 -5.17
CA LEU B 83 -32.68 -20.49 -4.46
C LEU B 83 -31.54 -19.99 -5.37
N LEU B 84 -30.97 -20.87 -6.21
CA LEU B 84 -29.91 -20.48 -7.14
C LEU B 84 -30.41 -19.45 -8.15
N ARG B 85 -31.66 -19.58 -8.62
CA ARG B 85 -32.28 -18.63 -9.54
C ARG B 85 -32.52 -17.30 -8.86
N SER B 86 -32.92 -17.31 -7.58
CA SER B 86 -33.15 -16.10 -6.80
C SER B 86 -31.85 -15.34 -6.46
N LEU B 87 -30.66 -15.93 -6.70
CA LEU B 87 -29.39 -15.23 -6.47
C LEU B 87 -29.28 -14.07 -7.48
N SER B 88 -29.75 -14.28 -8.71
CA SER B 88 -29.79 -13.23 -9.74
C SER B 88 -31.05 -12.32 -9.59
N ASN B 89 -31.44 -11.94 -8.35
CA ASN B 89 -32.54 -11.00 -8.11
C ASN B 89 -32.06 -9.63 -7.60
N SER B 90 -31.09 -9.62 -6.67
CA SER B 90 -30.55 -8.40 -6.07
C SER B 90 -29.25 -7.89 -6.73
N THR B 91 -28.91 -8.37 -7.96
CA THR B 91 -27.69 -7.97 -8.66
C THR B 91 -27.87 -7.99 -10.20
N ALA B 92 -26.91 -7.42 -10.95
CA ALA B 92 -26.97 -7.43 -12.41
C ALA B 92 -26.40 -8.77 -12.90
N ARG B 93 -27.30 -9.71 -13.24
CA ARG B 93 -26.96 -11.08 -13.69
C ARG B 93 -25.96 -11.04 -14.85
N ASN B 94 -24.86 -11.82 -14.72
CA ASN B 94 -23.72 -11.91 -15.65
C ASN B 94 -22.99 -10.58 -15.87
N VAL B 95 -23.09 -9.63 -14.92
CA VAL B 95 -22.35 -8.35 -14.96
C VAL B 95 -21.65 -8.19 -13.57
N THR B 96 -22.41 -8.11 -12.47
CA THR B 96 -21.86 -8.02 -11.11
C THR B 96 -21.99 -9.35 -10.31
N TRP B 97 -22.54 -10.41 -10.92
CA TRP B 97 -22.68 -11.73 -10.30
C TRP B 97 -22.59 -12.82 -11.37
N LYS B 98 -21.49 -13.58 -11.34
CA LYS B 98 -21.24 -14.68 -12.27
C LYS B 98 -20.96 -15.92 -11.44
N LEU B 99 -21.56 -17.05 -11.81
CA LEU B 99 -21.38 -18.30 -11.09
C LEU B 99 -21.34 -19.45 -12.10
N GLY B 100 -20.38 -20.35 -11.89
CA GLY B 100 -20.23 -21.58 -12.66
C GLY B 100 -19.94 -22.71 -11.70
N SER B 101 -20.47 -23.91 -12.01
CA SER B 101 -20.29 -25.13 -11.20
C SER B 101 -19.94 -26.25 -12.19
N ARG B 102 -18.78 -26.89 -12.00
CA ARG B 102 -18.30 -27.92 -12.90
C ARG B 102 -17.82 -29.15 -12.15
N LEU B 103 -18.23 -30.33 -12.60
CA LEU B 103 -17.81 -31.59 -12.01
C LEU B 103 -16.79 -32.18 -12.95
N TYR B 104 -15.55 -32.36 -12.47
CA TYR B 104 -14.45 -32.92 -13.24
C TYR B 104 -14.24 -34.37 -12.79
N GLY B 105 -14.41 -35.32 -13.70
CA GLY B 105 -14.16 -36.73 -13.44
C GLY B 105 -12.91 -37.22 -14.17
N PRO B 106 -12.25 -38.33 -13.75
CA PRO B 106 -11.07 -38.80 -14.50
C PRO B 106 -11.39 -39.18 -15.94
N SER B 107 -10.38 -39.15 -16.81
CA SER B 107 -10.54 -39.47 -18.23
C SER B 107 -11.16 -40.86 -18.49
N SER B 108 -11.02 -41.80 -17.54
CA SER B 108 -11.57 -43.15 -17.63
C SER B 108 -12.98 -43.28 -17.02
N VAL B 109 -13.67 -42.16 -16.73
CA VAL B 109 -14.99 -42.17 -16.11
C VAL B 109 -15.99 -41.40 -16.97
N SER B 110 -17.14 -42.03 -17.32
CA SER B 110 -18.18 -41.39 -18.10
C SER B 110 -19.37 -41.10 -17.19
N PHE B 111 -19.87 -39.86 -17.21
CA PHE B 111 -21.01 -39.49 -16.37
C PHE B 111 -22.30 -40.07 -16.96
N ALA B 112 -23.17 -40.61 -16.10
CA ALA B 112 -24.45 -41.18 -16.53
C ALA B 112 -25.36 -40.06 -17.07
N GLU B 113 -26.08 -40.31 -18.17
CA GLU B 113 -26.96 -39.30 -18.76
C GLU B 113 -28.07 -38.87 -17.80
N ASP B 114 -28.57 -39.80 -16.96
CA ASP B 114 -29.61 -39.50 -15.96
C ASP B 114 -29.11 -38.43 -14.98
N PHE B 115 -27.87 -38.57 -14.49
CA PHE B 115 -27.26 -37.59 -13.59
C PHE B 115 -27.00 -36.25 -14.28
N VAL B 116 -26.41 -36.28 -15.50
CA VAL B 116 -26.09 -35.06 -16.26
C VAL B 116 -27.37 -34.20 -16.45
N ARG B 117 -28.50 -34.81 -16.82
CA ARG B 117 -29.76 -34.07 -17.02
C ARG B 117 -30.25 -33.42 -15.71
N SER B 118 -30.26 -34.18 -14.60
CA SER B 118 -30.75 -33.70 -13.30
C SER B 118 -29.85 -32.63 -12.64
N SER B 119 -28.54 -32.84 -12.67
CA SER B 119 -27.57 -31.89 -12.10
C SER B 119 -27.55 -30.58 -12.90
N LYS B 120 -27.78 -30.65 -14.23
CA LYS B 120 -27.83 -29.47 -15.07
C LYS B 120 -29.12 -28.69 -14.80
N GLN B 121 -30.26 -29.40 -14.61
CA GLN B 121 -31.55 -28.73 -14.37
C GLN B 121 -31.64 -28.06 -12.99
N HIS B 122 -31.21 -28.75 -11.92
CA HIS B 122 -31.32 -28.20 -10.57
C HIS B 122 -30.18 -27.28 -10.16
N TYR B 123 -28.94 -27.63 -10.52
CA TYR B 123 -27.77 -26.89 -10.09
C TYR B 123 -26.94 -26.25 -11.20
N ASN B 124 -27.41 -26.25 -12.46
CA ASN B 124 -26.67 -25.70 -13.62
C ASN B 124 -25.24 -26.28 -13.68
N CYS B 125 -25.11 -27.56 -13.33
CA CYS B 125 -23.84 -28.24 -13.25
C CYS B 125 -23.33 -28.58 -14.63
N GLU B 126 -22.04 -28.30 -14.88
CA GLU B 126 -21.35 -28.65 -16.12
C GLU B 126 -20.54 -29.93 -15.83
N HIS B 127 -20.24 -30.71 -16.87
CA HIS B 127 -19.50 -31.97 -16.70
C HIS B 127 -18.31 -32.00 -17.62
N SER B 128 -17.15 -32.43 -17.10
CA SER B 128 -15.93 -32.47 -17.89
C SER B 128 -15.00 -33.61 -17.43
N LYS B 129 -14.15 -34.07 -18.34
CA LYS B 129 -13.14 -35.09 -18.06
C LYS B 129 -11.81 -34.38 -17.81
N ILE B 130 -10.95 -34.97 -16.96
CA ILE B 130 -9.68 -34.34 -16.62
C ILE B 130 -8.55 -35.37 -16.63
N ASN B 131 -7.45 -35.05 -17.35
CA ASN B 131 -6.29 -35.93 -17.44
C ASN B 131 -5.36 -35.61 -16.28
N PHE B 132 -5.49 -36.37 -15.18
CA PHE B 132 -4.65 -36.18 -14.00
C PHE B 132 -3.18 -36.54 -14.24
N ARG B 133 -2.81 -37.15 -15.39
CA ARG B 133 -1.43 -37.52 -15.69
C ARG B 133 -0.51 -36.27 -15.63
N ASP B 134 -0.68 -35.29 -16.54
CA ASP B 134 0.11 -34.06 -16.47
C ASP B 134 -0.63 -33.12 -15.54
N LYS B 135 -0.08 -32.89 -14.33
CA LYS B 135 -0.69 -32.03 -13.33
C LYS B 135 -0.78 -30.58 -13.82
N ARG B 136 0.24 -30.10 -14.56
CA ARG B 136 0.25 -28.74 -15.11
C ARG B 136 -0.94 -28.52 -16.05
N SER B 137 -1.27 -29.50 -16.90
CA SER B 137 -2.40 -29.38 -17.83
C SER B 137 -3.75 -29.55 -17.13
N ALA B 138 -3.84 -30.41 -16.11
CA ALA B 138 -5.08 -30.60 -15.37
C ALA B 138 -5.44 -29.32 -14.58
N LEU B 139 -4.42 -28.67 -13.99
CA LEU B 139 -4.61 -27.41 -13.29
C LEU B 139 -5.01 -26.31 -14.28
N GLN B 140 -4.32 -26.21 -15.43
CA GLN B 140 -4.64 -25.19 -16.42
C GLN B 140 -6.07 -25.30 -16.95
N SER B 141 -6.65 -26.51 -17.06
CA SER B 141 -8.02 -26.67 -17.51
C SER B 141 -9.01 -26.09 -16.49
N ILE B 142 -8.78 -26.34 -15.19
CA ILE B 142 -9.65 -25.85 -14.12
C ILE B 142 -9.49 -24.34 -13.97
N ASN B 143 -8.24 -23.85 -13.98
CA ASN B 143 -7.96 -22.43 -13.83
C ASN B 143 -8.49 -21.61 -15.01
N GLU B 144 -8.35 -22.12 -16.25
CA GLU B 144 -8.87 -21.42 -17.43
C GLU B 144 -10.40 -21.41 -17.42
N TRP B 145 -11.04 -22.47 -16.91
CA TRP B 145 -12.50 -22.51 -16.82
C TRP B 145 -13.01 -21.47 -15.78
N ALA B 146 -12.37 -21.38 -14.61
CA ALA B 146 -12.77 -20.40 -13.61
C ALA B 146 -12.52 -18.99 -14.11
N ALA B 147 -11.38 -18.77 -14.81
CA ALA B 147 -11.05 -17.47 -15.37
C ALA B 147 -12.08 -17.06 -16.40
N GLN B 148 -12.52 -17.97 -17.29
CA GLN B 148 -13.52 -17.63 -18.30
C GLN B 148 -14.89 -17.36 -17.67
N THR B 149 -15.26 -18.13 -16.62
CA THR B 149 -16.53 -17.98 -15.91
C THR B 149 -16.64 -16.58 -15.31
N THR B 150 -15.53 -16.04 -14.79
CA THR B 150 -15.45 -14.75 -14.11
C THR B 150 -14.79 -13.65 -14.96
N ASP B 151 -14.52 -13.88 -16.26
CA ASP B 151 -13.86 -12.96 -17.18
C ASP B 151 -12.54 -12.39 -16.63
N GLY B 152 -11.72 -13.28 -16.09
CA GLY B 152 -10.40 -12.92 -15.57
C GLY B 152 -10.35 -12.40 -14.15
N LYS B 153 -11.51 -12.18 -13.50
CA LYS B 153 -11.53 -11.68 -12.12
C LYS B 153 -11.01 -12.72 -11.13
N LEU B 154 -11.22 -14.01 -11.42
CA LEU B 154 -10.70 -15.11 -10.63
C LEU B 154 -9.78 -15.86 -11.61
N PRO B 155 -8.53 -15.40 -11.83
CA PRO B 155 -7.68 -16.05 -12.85
C PRO B 155 -7.16 -17.42 -12.48
N GLU B 156 -7.29 -17.85 -11.21
CA GLU B 156 -6.77 -19.12 -10.76
C GLU B 156 -7.58 -19.65 -9.59
N VAL B 157 -7.92 -20.94 -9.60
CA VAL B 157 -8.62 -21.59 -8.49
C VAL B 157 -7.53 -22.05 -7.52
N THR B 158 -6.58 -22.88 -7.99
CA THR B 158 -5.50 -23.39 -7.14
C THR B 158 -4.22 -23.60 -7.94
N LYS B 159 -3.09 -23.56 -7.24
CA LYS B 159 -1.77 -23.78 -7.86
C LYS B 159 -1.36 -25.27 -7.78
N ASP B 160 -2.11 -26.14 -7.05
CA ASP B 160 -1.81 -27.57 -6.93
C ASP B 160 -3.05 -28.36 -6.49
N VAL B 161 -3.18 -29.61 -6.98
CA VAL B 161 -4.30 -30.51 -6.62
C VAL B 161 -3.69 -31.68 -5.81
N GLU B 162 -4.25 -31.95 -4.61
CA GLU B 162 -3.73 -33.01 -3.74
C GLU B 162 -4.27 -34.40 -4.15
N ARG B 163 -5.59 -34.62 -4.07
CA ARG B 163 -6.20 -35.91 -4.43
C ARG B 163 -6.45 -35.89 -5.95
N THR B 164 -5.66 -36.68 -6.70
CA THR B 164 -5.71 -36.72 -8.16
C THR B 164 -6.29 -38.03 -8.71
N ASP B 165 -7.44 -38.50 -8.18
CA ASP B 165 -8.06 -39.74 -8.67
C ASP B 165 -9.62 -39.81 -8.58
N GLY B 166 -10.28 -38.94 -7.84
CA GLY B 166 -11.73 -38.93 -7.72
C GLY B 166 -12.38 -37.80 -8.47
N ALA B 167 -13.61 -37.47 -8.10
CA ALA B 167 -14.36 -36.36 -8.70
C ALA B 167 -13.97 -35.04 -8.02
N LEU B 168 -13.82 -33.99 -8.83
CA LEU B 168 -13.46 -32.65 -8.39
C LEU B 168 -14.63 -31.73 -8.70
N LEU B 169 -15.35 -31.25 -7.66
CA LEU B 169 -16.43 -30.28 -7.89
C LEU B 169 -15.81 -28.89 -7.75
N VAL B 170 -15.99 -28.01 -8.75
CA VAL B 170 -15.43 -26.65 -8.73
C VAL B 170 -16.54 -25.61 -8.91
N ASN B 171 -16.65 -24.67 -7.95
CA ASN B 171 -17.59 -23.55 -8.01
C ASN B 171 -16.77 -22.28 -8.14
N ALA B 172 -16.92 -21.54 -9.26
CA ALA B 172 -16.18 -20.30 -9.52
C ALA B 172 -17.18 -19.15 -9.56
N MET B 173 -16.93 -18.10 -8.76
CA MET B 173 -17.84 -16.97 -8.60
C MET B 173 -17.15 -15.64 -8.71
N PHE B 174 -17.88 -14.62 -9.16
CA PHE B 174 -17.44 -13.23 -9.14
C PHE B 174 -18.62 -12.45 -8.58
N PHE B 175 -18.39 -11.68 -7.53
CA PHE B 175 -19.45 -10.87 -6.94
C PHE B 175 -18.91 -9.49 -6.65
N LYS B 176 -19.63 -8.47 -7.11
CA LYS B 176 -19.23 -7.11 -6.94
C LYS B 176 -20.43 -6.34 -6.33
N PRO B 177 -20.43 -6.01 -5.02
CA PRO B 177 -21.56 -5.25 -4.49
C PRO B 177 -21.67 -3.85 -5.11
N HIS B 178 -22.85 -3.53 -5.67
CA HIS B 178 -23.14 -2.23 -6.30
C HIS B 178 -23.87 -1.41 -5.23
N TRP B 179 -23.20 -0.42 -4.64
CA TRP B 179 -23.77 0.34 -3.52
C TRP B 179 -25.02 1.11 -3.91
N ASP B 180 -25.97 1.27 -2.98
CA ASP B 180 -27.16 2.09 -3.23
C ASP B 180 -26.73 3.56 -3.40
N GLU B 181 -25.66 3.99 -2.67
CA GLU B 181 -25.07 5.31 -2.81
C GLU B 181 -23.58 5.08 -3.09
N LYS B 182 -23.20 5.30 -4.34
CA LYS B 182 -21.83 5.11 -4.79
C LYS B 182 -20.77 5.91 -4.01
N PHE B 183 -19.54 5.41 -4.01
CA PHE B 183 -18.38 6.16 -3.55
C PHE B 183 -17.91 6.90 -4.81
N HIS B 184 -17.36 8.10 -4.67
CA HIS B 184 -16.85 8.85 -5.82
C HIS B 184 -15.60 8.11 -6.33
N HIS B 185 -15.48 7.94 -7.66
CA HIS B 185 -14.38 7.18 -8.26
C HIS B 185 -12.97 7.71 -7.93
N LYS B 186 -12.83 8.99 -7.55
CA LYS B 186 -11.53 9.57 -7.18
C LYS B 186 -11.28 9.55 -5.65
N MET B 187 -12.24 9.12 -4.82
CA MET B 187 -12.05 9.08 -3.37
C MET B 187 -11.39 7.79 -2.98
N VAL B 188 -10.16 7.59 -3.49
CA VAL B 188 -9.38 6.38 -3.31
C VAL B 188 -7.91 6.77 -3.07
N ASP B 189 -7.23 6.09 -2.13
CA ASP B 189 -5.82 6.36 -1.87
C ASP B 189 -5.17 5.11 -1.24
N ASN B 190 -3.84 5.12 -1.11
CA ASN B 190 -3.12 3.98 -0.55
C ASN B 190 -2.99 4.10 0.94
N ARG B 191 -3.32 3.03 1.67
CA ARG B 191 -3.35 3.00 3.13
C ARG B 191 -2.72 1.69 3.67
N GLY B 192 -2.56 1.60 4.98
CA GLY B 192 -2.06 0.41 5.65
C GLY B 192 -3.22 -0.39 6.21
N PHE B 193 -3.13 -1.72 6.17
CA PHE B 193 -4.11 -2.64 6.73
C PHE B 193 -3.34 -3.50 7.73
N MET B 194 -3.68 -3.38 9.01
CA MET B 194 -3.03 -4.12 10.08
C MET B 194 -3.64 -5.50 10.17
N VAL B 195 -2.92 -6.53 9.67
CA VAL B 195 -3.34 -7.93 9.72
C VAL B 195 -3.34 -8.34 11.22
N THR B 196 -2.24 -8.02 11.94
CA THR B 196 -2.07 -8.25 13.40
C THR B 196 -1.53 -6.91 14.01
N ARG B 197 -1.24 -6.85 15.32
CA ARG B 197 -0.68 -5.64 15.93
C ARG B 197 0.78 -5.37 15.49
N SER B 198 1.47 -6.34 14.85
CA SER B 198 2.86 -6.17 14.42
C SER B 198 3.07 -6.45 12.91
N TYR B 199 2.00 -6.70 12.13
CA TYR B 199 2.14 -6.98 10.70
C TYR B 199 1.17 -6.09 9.92
N THR B 200 1.71 -5.20 9.05
CA THR B 200 0.86 -4.31 8.24
C THR B 200 1.16 -4.43 6.76
N VAL B 201 0.11 -4.66 5.96
CA VAL B 201 0.20 -4.71 4.51
C VAL B 201 -0.34 -3.37 3.91
N GLY B 202 -0.05 -3.10 2.66
CA GLY B 202 -0.51 -1.92 1.96
C GLY B 202 -1.73 -2.30 1.15
N VAL B 203 -2.75 -1.43 1.16
CA VAL B 203 -4.01 -1.64 0.43
C VAL B 203 -4.51 -0.32 -0.12
N THR B 204 -5.24 -0.37 -1.22
CA THR B 204 -5.95 0.80 -1.72
C THR B 204 -7.24 0.82 -0.89
N MET B 205 -7.69 2.01 -0.50
CA MET B 205 -8.96 2.17 0.22
C MET B 205 -9.83 3.19 -0.49
N MET B 206 -11.14 3.02 -0.36
CA MET B 206 -12.14 3.93 -0.93
C MET B 206 -12.86 4.57 0.26
N HIS B 207 -13.26 5.84 0.13
CA HIS B 207 -13.80 6.61 1.26
C HIS B 207 -15.06 7.40 0.93
N ARG B 208 -16.02 7.44 1.86
CA ARG B 208 -17.22 8.25 1.69
C ARG B 208 -17.91 8.50 3.02
N THR B 209 -18.64 9.61 3.13
CA THR B 209 -19.41 9.92 4.32
C THR B 209 -20.86 10.00 3.87
N GLY B 210 -21.73 9.28 4.57
CA GLY B 210 -23.16 9.26 4.26
C GLY B 210 -23.97 8.80 5.45
N LEU B 211 -25.27 8.58 5.26
CA LEU B 211 -26.14 8.14 6.34
C LEU B 211 -26.31 6.64 6.27
N TYR B 212 -25.97 5.93 7.35
CA TYR B 212 -26.06 4.48 7.40
C TYR B 212 -26.62 4.01 8.73
N ASN B 213 -27.31 2.85 8.73
CA ASN B 213 -27.75 2.22 9.98
C ASN B 213 -26.46 1.73 10.67
N TYR B 214 -26.27 2.10 11.94
CA TYR B 214 -25.02 1.90 12.66
C TYR B 214 -25.25 1.58 14.11
N TYR B 215 -24.37 0.77 14.70
CA TYR B 215 -24.39 0.51 16.13
C TYR B 215 -22.97 0.27 16.63
N ASP B 216 -22.57 0.96 17.71
CA ASP B 216 -21.30 0.77 18.35
C ASP B 216 -21.57 0.01 19.65
N ASP B 217 -21.19 -1.27 19.70
CA ASP B 217 -21.36 -2.10 20.89
C ASP B 217 -20.16 -1.85 21.81
N GLU B 218 -20.32 -0.94 22.77
CA GLU B 218 -19.24 -0.59 23.70
C GLU B 218 -18.82 -1.75 24.60
N LYS B 219 -19.78 -2.56 25.06
CA LYS B 219 -19.48 -3.71 25.91
C LYS B 219 -18.68 -4.76 25.14
N GLU B 220 -19.12 -5.13 23.93
CA GLU B 220 -18.41 -6.15 23.14
C GLU B 220 -17.30 -5.57 22.23
N LYS B 221 -16.97 -4.27 22.37
CA LYS B 221 -15.90 -3.59 21.62
C LYS B 221 -15.94 -3.81 20.09
N LEU B 222 -17.04 -3.42 19.43
CA LEU B 222 -17.15 -3.56 17.99
C LEU B 222 -18.10 -2.56 17.39
N GLN B 223 -17.90 -2.24 16.12
CA GLN B 223 -18.80 -1.40 15.36
C GLN B 223 -19.48 -2.30 14.33
N ILE B 224 -20.73 -1.96 14.01
CA ILE B 224 -21.49 -2.71 13.01
C ILE B 224 -22.21 -1.68 12.14
N VAL B 225 -22.04 -1.78 10.82
CA VAL B 225 -22.65 -0.85 9.86
C VAL B 225 -23.34 -1.64 8.75
N GLU B 226 -24.50 -1.15 8.29
CA GLU B 226 -25.23 -1.78 7.20
C GLU B 226 -25.13 -0.84 6.02
N MET B 227 -24.61 -1.36 4.90
CA MET B 227 -24.43 -0.62 3.66
C MET B 227 -25.42 -1.19 2.65
N PRO B 228 -26.57 -0.52 2.36
CA PRO B 228 -27.49 -1.09 1.37
C PRO B 228 -26.87 -1.14 -0.02
N LEU B 229 -27.22 -2.17 -0.78
CA LEU B 229 -26.79 -2.31 -2.17
C LEU B 229 -27.92 -1.79 -3.06
N ALA B 230 -27.71 -1.77 -4.40
CA ALA B 230 -28.62 -1.20 -5.40
C ALA B 230 -30.11 -1.36 -5.07
N HIS B 231 -30.83 -0.23 -5.01
CA HIS B 231 -32.27 -0.17 -4.73
C HIS B 231 -32.68 -0.86 -3.44
N LYS B 232 -31.74 -1.02 -2.48
CA LYS B 232 -31.97 -1.69 -1.21
C LYS B 232 -32.55 -3.11 -1.38
N LEU B 233 -32.25 -3.77 -2.53
CA LEU B 233 -32.68 -5.15 -2.78
C LEU B 233 -31.81 -6.16 -2.00
N SER B 234 -30.63 -5.75 -1.56
CA SER B 234 -29.73 -6.50 -0.70
C SER B 234 -28.95 -5.48 0.16
N SER B 235 -28.25 -5.95 1.19
CA SER B 235 -27.41 -5.08 2.01
C SER B 235 -26.19 -5.85 2.50
N LEU B 236 -25.10 -5.12 2.69
CA LEU B 236 -23.83 -5.66 3.14
C LEU B 236 -23.60 -5.12 4.56
N ILE B 237 -23.46 -6.02 5.54
CA ILE B 237 -23.23 -5.65 6.93
C ILE B 237 -21.80 -5.98 7.32
N ILE B 238 -21.08 -5.06 7.98
CA ILE B 238 -19.70 -5.28 8.40
C ILE B 238 -19.64 -5.21 9.93
N LEU B 239 -18.97 -6.17 10.56
CA LEU B 239 -18.77 -6.23 11.99
C LEU B 239 -17.26 -6.14 12.18
N MET B 240 -16.76 -5.06 12.79
CA MET B 240 -15.31 -4.89 12.96
C MET B 240 -14.97 -4.58 14.42
N PRO B 241 -14.02 -5.29 15.08
CA PRO B 241 -13.65 -4.90 16.46
C PRO B 241 -13.08 -3.49 16.53
N HIS B 242 -13.22 -2.82 17.68
CA HIS B 242 -12.71 -1.45 17.83
C HIS B 242 -11.20 -1.33 17.51
N HIS B 243 -10.41 -2.31 17.96
CA HIS B 243 -8.97 -2.36 17.72
C HIS B 243 -8.60 -3.63 16.93
N VAL B 244 -7.40 -3.63 16.32
CA VAL B 244 -6.89 -4.80 15.61
C VAL B 244 -6.72 -5.96 16.59
N GLU B 245 -7.33 -7.11 16.30
CA GLU B 245 -7.23 -8.30 17.13
C GLU B 245 -7.62 -9.54 16.32
N PRO B 246 -7.28 -10.79 16.74
CA PRO B 246 -7.80 -11.96 16.02
C PRO B 246 -9.33 -11.99 16.12
N LEU B 247 -10.01 -12.43 15.05
CA LEU B 247 -11.47 -12.41 15.04
C LEU B 247 -12.13 -13.51 15.90
N GLU B 248 -11.35 -14.45 16.48
CA GLU B 248 -11.86 -15.53 17.35
C GLU B 248 -12.93 -15.05 18.37
N ARG B 249 -12.64 -13.96 19.11
CA ARG B 249 -13.54 -13.43 20.13
C ARG B 249 -14.87 -12.99 19.52
N LEU B 250 -14.84 -12.20 18.43
CA LEU B 250 -16.05 -11.74 17.78
C LEU B 250 -16.84 -12.90 17.14
N GLU B 251 -16.13 -13.89 16.62
CA GLU B 251 -16.74 -15.07 16.00
C GLU B 251 -17.56 -15.87 17.02
N LYS B 252 -17.17 -15.86 18.32
CA LYS B 252 -17.96 -16.52 19.36
C LYS B 252 -19.34 -15.86 19.50
N LEU B 253 -19.42 -14.54 19.29
CA LEU B 253 -20.69 -13.80 19.35
C LEU B 253 -21.51 -13.91 18.05
N LEU B 254 -21.10 -14.73 17.07
CA LEU B 254 -21.76 -14.81 15.78
C LEU B 254 -22.95 -15.79 15.77
N THR B 255 -24.05 -15.43 16.44
CA THR B 255 -25.29 -16.23 16.48
C THR B 255 -26.44 -15.43 15.87
N LYS B 256 -27.51 -16.12 15.41
CA LYS B 256 -28.68 -15.42 14.86
C LYS B 256 -29.33 -14.52 15.93
N GLU B 257 -29.31 -14.97 17.18
CA GLU B 257 -29.86 -14.25 18.32
C GLU B 257 -29.10 -12.92 18.53
N GLN B 258 -27.76 -12.98 18.52
CA GLN B 258 -26.95 -11.77 18.70
C GLN B 258 -27.01 -10.84 17.48
N LEU B 259 -27.08 -11.41 16.28
CA LEU B 259 -27.18 -10.62 15.05
C LEU B 259 -28.52 -9.88 15.05
N LYS B 260 -29.62 -10.56 15.43
CA LYS B 260 -30.96 -9.95 15.57
C LYS B 260 -30.93 -8.82 16.61
N ILE B 261 -30.23 -9.03 17.74
CA ILE B 261 -30.08 -8.02 18.79
C ILE B 261 -29.32 -6.78 18.25
N TRP B 262 -28.17 -6.99 17.59
CA TRP B 262 -27.38 -5.89 17.01
C TRP B 262 -28.17 -5.12 15.94
N MET B 263 -28.96 -5.83 15.10
CA MET B 263 -29.78 -5.20 14.05
C MET B 263 -30.83 -4.27 14.67
N GLY B 264 -31.43 -4.70 15.79
CA GLY B 264 -32.44 -3.92 16.49
C GLY B 264 -31.96 -2.62 17.10
N LYS B 265 -30.67 -2.55 17.52
CA LYS B 265 -30.11 -1.33 18.13
C LYS B 265 -29.48 -0.36 17.10
N MET B 266 -29.50 -0.68 15.79
CA MET B 266 -28.92 0.21 14.77
C MET B 266 -29.79 1.44 14.54
N GLN B 267 -29.15 2.60 14.41
CA GLN B 267 -29.80 3.88 14.15
C GLN B 267 -29.11 4.52 12.94
N LYS B 268 -29.88 5.23 12.10
CA LYS B 268 -29.33 5.88 10.92
C LYS B 268 -28.51 7.09 11.38
N LYS B 269 -27.18 7.00 11.21
CA LYS B 269 -26.22 8.03 11.63
C LYS B 269 -25.31 8.42 10.47
N ALA B 270 -24.64 9.58 10.56
CA ALA B 270 -23.64 9.96 9.57
C ALA B 270 -22.41 9.12 9.91
N VAL B 271 -21.90 8.36 8.93
CA VAL B 271 -20.73 7.50 9.13
C VAL B 271 -19.72 7.80 8.03
N ALA B 272 -18.45 7.99 8.41
CA ALA B 272 -17.34 8.18 7.51
C ALA B 272 -16.76 6.78 7.29
N ILE B 273 -17.12 6.14 6.18
CA ILE B 273 -16.67 4.79 5.86
C ILE B 273 -15.44 4.77 4.93
N SER B 274 -14.44 3.95 5.30
CA SER B 274 -13.27 3.70 4.50
C SER B 274 -13.16 2.18 4.41
N LEU B 275 -13.11 1.62 3.18
CA LEU B 275 -13.03 0.18 2.99
C LEU B 275 -11.90 -0.17 2.06
N PRO B 276 -11.24 -1.35 2.18
CA PRO B 276 -10.25 -1.73 1.14
C PRO B 276 -10.93 -1.85 -0.23
N LYS B 277 -10.26 -1.37 -1.28
CA LYS B 277 -10.74 -1.43 -2.65
C LYS B 277 -9.89 -2.46 -3.40
N GLY B 278 -10.55 -3.32 -4.15
CA GLY B 278 -9.88 -4.34 -4.93
C GLY B 278 -10.62 -5.66 -4.95
N VAL B 279 -10.06 -6.60 -5.71
CA VAL B 279 -10.59 -7.95 -5.87
C VAL B 279 -9.93 -8.81 -4.82
N VAL B 280 -10.72 -9.37 -3.91
CA VAL B 280 -10.24 -10.29 -2.91
C VAL B 280 -10.57 -11.66 -3.50
N GLU B 281 -9.55 -12.45 -3.79
CA GLU B 281 -9.69 -13.78 -4.37
C GLU B 281 -9.51 -14.78 -3.25
N VAL B 282 -10.54 -15.60 -2.98
CA VAL B 282 -10.48 -16.60 -1.90
C VAL B 282 -10.85 -17.97 -2.47
N THR B 283 -9.96 -18.96 -2.31
CA THR B 283 -10.25 -20.33 -2.71
C THR B 283 -10.23 -21.23 -1.49
N HIS B 284 -11.27 -22.03 -1.31
CA HIS B 284 -11.34 -22.99 -0.22
C HIS B 284 -11.61 -24.35 -0.83
N ASP B 285 -11.03 -25.39 -0.25
CA ASP B 285 -11.35 -26.76 -0.61
C ASP B 285 -12.17 -27.16 0.61
N LEU B 286 -13.48 -27.25 0.44
CA LEU B 286 -14.39 -27.56 1.55
C LEU B 286 -14.48 -29.06 1.85
N GLN B 287 -13.69 -29.92 1.18
CA GLN B 287 -13.76 -31.36 1.39
C GLN B 287 -13.51 -31.77 2.86
N LYS B 288 -12.38 -31.34 3.46
CA LYS B 288 -12.07 -31.71 4.84
C LYS B 288 -13.01 -31.08 5.87
N HIS B 289 -13.53 -29.87 5.62
CA HIS B 289 -14.43 -29.21 6.57
C HIS B 289 -15.83 -29.78 6.50
N LEU B 290 -16.32 -30.14 5.31
CA LEU B 290 -17.64 -30.76 5.18
C LEU B 290 -17.63 -32.17 5.80
N ALA B 291 -16.50 -32.91 5.69
CA ALA B 291 -16.35 -34.22 6.29
C ALA B 291 -16.40 -34.09 7.84
N GLY B 292 -15.74 -33.07 8.39
CA GLY B 292 -15.75 -32.78 9.81
C GLY B 292 -17.13 -32.47 10.40
N LEU B 293 -18.11 -32.12 9.53
CA LEU B 293 -19.49 -31.84 9.94
C LEU B 293 -20.47 -33.02 9.67
N GLY B 294 -19.98 -34.14 9.13
CA GLY B 294 -20.82 -35.31 8.87
C GLY B 294 -20.80 -35.90 7.47
N LEU B 295 -19.89 -35.45 6.57
CA LEU B 295 -19.81 -35.98 5.20
C LEU B 295 -18.57 -36.89 5.10
N THR B 296 -18.56 -37.97 5.88
CA THR B 296 -17.43 -38.91 5.90
C THR B 296 -17.48 -39.95 4.77
N GLU B 297 -18.69 -40.43 4.41
CA GLU B 297 -18.83 -41.44 3.36
C GLU B 297 -18.42 -40.96 1.96
N ALA B 298 -18.93 -39.80 1.50
CA ALA B 298 -18.64 -39.29 0.16
C ALA B 298 -17.16 -39.01 -0.09
N ILE B 299 -16.42 -38.58 0.93
CA ILE B 299 -15.00 -38.22 0.78
C ILE B 299 -14.03 -39.42 0.91
N ASP B 300 -14.52 -40.61 1.33
CA ASP B 300 -13.66 -41.78 1.52
C ASP B 300 -13.52 -42.61 0.23
N LYS B 301 -12.28 -42.94 -0.17
CA LYS B 301 -11.97 -43.71 -1.37
C LYS B 301 -12.67 -45.08 -1.47
N ASN B 302 -13.00 -45.71 -0.32
CA ASN B 302 -13.64 -47.03 -0.30
C ASN B 302 -15.15 -47.01 0.02
N LYS B 303 -15.57 -46.23 1.03
CA LYS B 303 -17.00 -46.17 1.40
C LYS B 303 -17.90 -45.31 0.49
N ALA B 304 -17.34 -44.49 -0.42
CA ALA B 304 -18.17 -43.61 -1.26
C ALA B 304 -19.05 -44.33 -2.27
N ASP B 305 -20.36 -44.06 -2.24
CA ASP B 305 -21.33 -44.65 -3.17
C ASP B 305 -21.87 -43.55 -4.09
N LEU B 306 -21.14 -43.28 -5.20
CA LEU B 306 -21.55 -42.30 -6.21
C LEU B 306 -21.97 -43.04 -7.49
N SER B 307 -22.76 -44.12 -7.32
CA SER B 307 -23.22 -44.94 -8.44
C SER B 307 -24.27 -44.24 -9.31
N ARG B 308 -25.07 -43.31 -8.75
CA ARG B 308 -26.05 -42.57 -9.58
C ARG B 308 -25.33 -41.57 -10.51
N MET B 309 -24.14 -41.08 -10.11
CA MET B 309 -23.35 -40.11 -10.87
C MET B 309 -22.64 -40.74 -12.08
N SER B 310 -21.97 -41.90 -11.89
CA SER B 310 -21.18 -42.58 -12.94
C SER B 310 -21.75 -43.90 -13.48
N GLY B 311 -22.47 -44.65 -12.64
CA GLY B 311 -23.01 -45.97 -13.01
C GLY B 311 -22.39 -47.08 -12.18
N LYS B 312 -21.10 -46.93 -11.84
CA LYS B 312 -20.35 -47.89 -11.03
C LYS B 312 -19.72 -47.17 -9.81
N LYS B 313 -19.30 -47.94 -8.79
CA LYS B 313 -18.65 -47.38 -7.59
C LYS B 313 -17.16 -47.13 -7.87
N ASP B 314 -16.87 -46.31 -8.90
CA ASP B 314 -15.51 -45.94 -9.32
C ASP B 314 -15.23 -44.44 -9.07
N LEU B 315 -15.98 -43.78 -8.16
CA LEU B 315 -15.83 -42.36 -7.93
C LEU B 315 -16.05 -42.01 -6.46
N TYR B 316 -15.20 -41.12 -5.93
CA TYR B 316 -15.28 -40.59 -4.58
C TYR B 316 -15.08 -39.05 -4.66
N LEU B 317 -15.68 -38.31 -3.73
CA LEU B 317 -15.55 -36.85 -3.73
C LEU B 317 -14.16 -36.41 -3.25
N ALA B 318 -13.26 -36.14 -4.20
CA ALA B 318 -11.89 -35.74 -3.89
C ALA B 318 -11.77 -34.29 -3.43
N SER B 319 -12.49 -33.35 -4.08
CA SER B 319 -12.43 -31.93 -3.70
C SER B 319 -13.75 -31.20 -3.95
N VAL B 320 -14.00 -30.14 -3.16
CA VAL B 320 -15.16 -29.27 -3.30
C VAL B 320 -14.60 -27.86 -3.27
N PHE B 321 -14.08 -27.41 -4.42
CA PHE B 321 -13.51 -26.08 -4.51
C PHE B 321 -14.63 -25.04 -4.55
N HIS B 322 -14.51 -24.03 -3.69
CA HIS B 322 -15.41 -22.91 -3.56
C HIS B 322 -14.50 -21.69 -3.73
N ALA B 323 -14.39 -21.19 -4.97
CA ALA B 323 -13.52 -20.06 -5.31
C ALA B 323 -14.32 -18.82 -5.69
N THR B 324 -14.00 -17.68 -5.05
CA THR B 324 -14.73 -16.44 -5.25
C THR B 324 -13.77 -15.27 -5.43
N ALA B 325 -14.10 -14.37 -6.36
CA ALA B 325 -13.40 -13.10 -6.54
C ALA B 325 -14.45 -12.09 -6.10
N PHE B 326 -14.30 -11.53 -4.88
CA PHE B 326 -15.24 -10.57 -4.32
C PHE B 326 -14.60 -9.20 -4.53
N GLU B 327 -15.20 -8.34 -5.36
CA GLU B 327 -14.62 -7.04 -5.63
C GLU B 327 -15.31 -5.89 -4.88
N TRP B 328 -14.50 -5.14 -4.11
CA TRP B 328 -14.89 -3.94 -3.42
C TRP B 328 -14.47 -2.83 -4.38
N ASP B 329 -15.45 -2.12 -4.91
CA ASP B 329 -15.23 -1.03 -5.87
C ASP B 329 -16.10 0.15 -5.48
N THR B 330 -15.83 1.30 -6.08
CA THR B 330 -16.55 2.52 -5.75
C THR B 330 -17.94 2.60 -6.36
N GLU B 331 -18.18 1.88 -7.44
CA GLU B 331 -19.41 2.03 -8.21
C GLU B 331 -20.69 1.63 -7.48
N GLY B 332 -21.72 2.41 -7.76
CA GLY B 332 -23.06 2.27 -7.21
C GLY B 332 -24.05 3.18 -7.90
N ASN B 333 -25.22 3.35 -7.31
CA ASN B 333 -26.24 4.23 -7.87
C ASN B 333 -25.89 5.69 -7.55
N PRO B 334 -26.20 6.65 -8.46
CA PRO B 334 -25.97 8.07 -8.12
C PRO B 334 -26.93 8.57 -7.05
N PHE B 335 -26.59 9.69 -6.44
CA PHE B 335 -27.42 10.29 -5.38
C PHE B 335 -27.32 11.82 -5.43
N ASP B 336 -28.23 12.52 -4.74
CA ASP B 336 -28.23 13.97 -4.73
C ASP B 336 -27.09 14.45 -3.84
N GLN B 337 -26.15 15.21 -4.42
CA GLN B 337 -24.99 15.73 -3.68
C GLN B 337 -25.39 16.77 -2.62
N ASP B 338 -26.61 17.34 -2.69
CA ASP B 338 -27.08 18.30 -1.70
C ASP B 338 -27.27 17.67 -0.30
N ILE B 339 -27.19 16.32 -0.17
CA ILE B 339 -27.20 15.66 1.14
C ILE B 339 -25.92 16.06 1.95
N TYR B 340 -24.82 16.47 1.26
CA TYR B 340 -23.61 16.97 1.90
C TYR B 340 -23.82 18.34 2.54
N GLY B 341 -24.77 19.13 2.05
CA GLY B 341 -25.11 20.43 2.62
C GLY B 341 -26.21 20.33 3.65
N ARG B 342 -26.17 19.27 4.51
CA ARG B 342 -27.18 19.03 5.55
C ARG B 342 -26.47 18.80 6.89
N GLU B 343 -27.04 19.37 7.99
CA GLU B 343 -26.50 19.31 9.35
C GLU B 343 -26.18 17.92 9.89
N GLU B 344 -26.94 16.91 9.49
CA GLU B 344 -26.73 15.52 9.95
C GLU B 344 -25.27 15.00 9.82
N LEU B 345 -24.52 15.42 8.77
CA LEU B 345 -23.12 14.98 8.57
C LEU B 345 -22.09 15.84 9.36
N ARG B 346 -22.51 16.56 10.42
CA ARG B 346 -21.60 17.43 11.18
C ARG B 346 -20.45 16.72 11.93
N SER B 347 -20.75 15.61 12.62
CA SER B 347 -19.75 14.86 13.38
C SER B 347 -19.97 13.38 13.11
N PRO B 348 -19.49 12.83 11.98
CA PRO B 348 -19.78 11.42 11.67
C PRO B 348 -19.01 10.42 12.53
N LYS B 349 -19.58 9.22 12.62
CA LYS B 349 -18.93 8.09 13.29
C LYS B 349 -17.85 7.62 12.34
N LEU B 350 -16.71 7.17 12.86
CA LEU B 350 -15.59 6.74 12.03
C LEU B 350 -15.54 5.22 11.93
N PHE B 351 -15.75 4.68 10.71
CA PHE B 351 -15.70 3.25 10.43
C PHE B 351 -14.56 3.09 9.42
N TYR B 352 -13.32 2.99 9.94
CA TYR B 352 -12.10 2.90 9.14
C TYR B 352 -11.63 1.46 9.12
N ALA B 353 -12.03 0.69 8.08
CA ALA B 353 -11.72 -0.73 8.02
C ALA B 353 -10.28 -1.06 7.62
N ASP B 354 -9.33 -0.78 8.53
CA ASP B 354 -7.91 -1.06 8.34
C ASP B 354 -7.42 -2.24 9.20
N HIS B 355 -8.32 -3.14 9.61
CA HIS B 355 -7.94 -4.33 10.38
C HIS B 355 -9.00 -5.43 10.19
N PRO B 356 -8.72 -6.72 10.54
CA PRO B 356 -9.70 -7.77 10.21
C PRO B 356 -11.16 -7.50 10.63
N PHE B 357 -12.08 -7.89 9.74
CA PHE B 357 -13.51 -7.72 9.98
C PHE B 357 -14.30 -8.87 9.36
N ILE B 358 -15.52 -9.02 9.83
CA ILE B 358 -16.47 -10.02 9.33
C ILE B 358 -17.50 -9.25 8.52
N PHE B 359 -18.09 -9.91 7.52
CA PHE B 359 -19.10 -9.30 6.69
C PHE B 359 -20.08 -10.32 6.19
N LEU B 360 -21.30 -9.86 5.92
CA LEU B 360 -22.32 -10.70 5.32
C LEU B 360 -23.16 -9.89 4.37
N VAL B 361 -23.60 -10.52 3.30
CA VAL B 361 -24.46 -9.90 2.30
C VAL B 361 -25.77 -10.68 2.42
N ARG B 362 -26.90 -9.99 2.47
CA ARG B 362 -28.20 -10.58 2.69
C ARG B 362 -29.20 -10.03 1.69
N ASP B 363 -29.97 -10.92 1.05
CA ASP B 363 -31.02 -10.55 0.09
C ASP B 363 -32.15 -9.97 0.94
N THR B 364 -32.55 -8.71 0.69
CA THR B 364 -33.59 -8.04 1.48
C THR B 364 -34.99 -8.59 1.17
N GLN B 365 -35.27 -8.94 -0.10
CA GLN B 365 -36.58 -9.44 -0.50
C GLN B 365 -36.88 -10.80 0.17
N SER B 366 -36.00 -11.81 -0.01
CA SER B 366 -36.20 -13.15 0.55
C SER B 366 -35.58 -13.38 1.93
N GLY B 367 -34.81 -12.44 2.47
CA GLY B 367 -34.14 -12.63 3.76
C GLY B 367 -32.99 -13.64 3.71
N SER B 368 -32.73 -14.26 2.55
CA SER B 368 -31.71 -15.28 2.35
C SER B 368 -30.30 -14.68 2.47
N LEU B 369 -29.40 -15.39 3.13
CA LEU B 369 -28.02 -14.95 3.28
C LEU B 369 -27.29 -15.27 1.97
N LEU B 370 -26.67 -14.26 1.34
CA LEU B 370 -25.98 -14.41 0.06
C LEU B 370 -24.51 -14.76 0.23
N PHE B 371 -23.84 -14.14 1.20
CA PHE B 371 -22.42 -14.37 1.44
C PHE B 371 -22.08 -14.17 2.90
N ILE B 372 -21.06 -14.87 3.36
CA ILE B 372 -20.51 -14.70 4.70
C ILE B 372 -19.00 -14.90 4.58
N GLY B 373 -18.24 -14.03 5.20
CA GLY B 373 -16.79 -14.15 5.17
C GLY B 373 -16.09 -13.21 6.10
N ARG B 374 -14.79 -13.14 5.96
CA ARG B 374 -13.97 -12.25 6.74
C ARG B 374 -12.76 -11.84 5.92
N LEU B 375 -12.31 -10.61 6.12
CA LEU B 375 -11.13 -10.12 5.42
C LEU B 375 -10.07 -9.95 6.50
N VAL B 376 -9.14 -10.90 6.57
CA VAL B 376 -8.03 -10.90 7.53
C VAL B 376 -6.79 -10.28 6.87
N ARG B 377 -6.56 -10.57 5.58
CA ARG B 377 -5.40 -10.05 4.88
C ARG B 377 -5.69 -9.87 3.38
N PRO B 378 -5.84 -8.63 2.86
CA PRO B 378 -6.06 -8.50 1.40
C PRO B 378 -4.73 -8.75 0.65
N LYS B 379 -4.79 -9.52 -0.44
CA LYS B 379 -3.64 -9.95 -1.29
C LYS B 379 -2.30 -9.19 -1.07
N SER C 4 -0.14 -23.11 -0.79
CA SER C 4 0.64 -22.65 -1.95
C SER C 4 1.82 -21.75 -1.54
N ASP C 5 1.59 -20.79 -0.61
CA ASP C 5 2.61 -19.84 -0.14
C ASP C 5 3.50 -20.37 1.02
N VAL C 6 3.74 -21.68 1.03
CA VAL C 6 4.56 -22.43 2.00
C VAL C 6 5.37 -23.50 1.18
N PRO C 7 6.59 -23.95 1.57
CA PRO C 7 7.26 -24.98 0.77
C PRO C 7 6.49 -26.32 0.89
N ARG C 8 6.50 -27.13 -0.17
CA ARG C 8 5.74 -28.40 -0.19
C ARG C 8 6.59 -29.60 -0.61
N ASP C 9 6.08 -30.84 -0.39
CA ASP C 9 6.77 -32.09 -0.75
C ASP C 9 8.14 -32.25 -0.08
N LEU C 10 8.25 -31.88 1.22
CA LEU C 10 9.51 -32.06 1.93
C LEU C 10 9.66 -33.55 2.21
N GLU C 11 10.78 -34.14 1.76
CA GLU C 11 11.03 -35.57 1.96
C GLU C 11 12.52 -35.88 2.01
N VAL C 12 12.88 -37.00 2.65
CA VAL C 12 14.25 -37.47 2.70
C VAL C 12 14.43 -38.31 1.44
N VAL C 13 15.42 -37.95 0.61
CA VAL C 13 15.73 -38.61 -0.66
C VAL C 13 16.79 -39.71 -0.42
N ALA C 14 17.77 -39.46 0.46
CA ALA C 14 18.81 -40.43 0.80
C ALA C 14 19.14 -40.32 2.28
N ALA C 15 19.35 -41.46 2.96
CA ALA C 15 19.64 -41.48 4.39
C ALA C 15 20.79 -42.43 4.72
N THR C 16 21.72 -41.96 5.55
CA THR C 16 22.82 -42.75 6.09
C THR C 16 22.76 -42.61 7.65
N PRO C 17 23.47 -43.43 8.44
CA PRO C 17 23.39 -43.28 9.91
C PRO C 17 23.68 -41.88 10.47
N THR C 18 24.55 -41.09 9.79
CA THR C 18 24.92 -39.75 10.24
C THR C 18 24.47 -38.62 9.29
N SER C 19 23.71 -38.92 8.22
CA SER C 19 23.36 -37.89 7.23
C SER C 19 22.01 -38.08 6.57
N LEU C 20 21.39 -36.98 6.12
CA LEU C 20 20.11 -37.00 5.42
C LEU C 20 20.13 -35.99 4.27
N LEU C 21 19.82 -36.44 3.05
CA LEU C 21 19.69 -35.56 1.89
C LEU C 21 18.20 -35.30 1.77
N ILE C 22 17.78 -34.05 1.96
CA ILE C 22 16.36 -33.67 1.88
C ILE C 22 16.08 -32.90 0.61
N SER C 23 14.83 -32.95 0.16
CA SER C 23 14.38 -32.20 -1.01
C SER C 23 13.00 -31.62 -0.75
N TRP C 24 12.67 -30.55 -1.46
CA TRP C 24 11.37 -29.89 -1.32
C TRP C 24 11.03 -29.15 -2.63
N TYR C 25 9.75 -28.79 -2.79
CA TYR C 25 9.24 -28.03 -3.92
C TYR C 25 9.03 -26.61 -3.40
N HIS C 26 9.56 -25.62 -4.12
CA HIS C 26 9.46 -24.21 -3.76
C HIS C 26 8.01 -23.71 -3.56
N PRO C 27 7.76 -22.67 -2.72
CA PRO C 27 6.40 -22.11 -2.66
C PRO C 27 6.04 -21.31 -3.94
N GLU C 28 4.82 -20.81 -4.04
CA GLU C 28 4.38 -20.06 -5.21
C GLU C 28 5.18 -18.76 -5.37
N GLN C 29 5.32 -17.97 -4.31
CA GLN C 29 6.07 -16.73 -4.36
C GLN C 29 7.60 -16.98 -4.41
N TYR C 30 8.36 -15.99 -4.91
CA TYR C 30 9.81 -16.09 -4.99
C TYR C 30 10.40 -16.19 -3.56
N THR C 31 11.42 -17.06 -3.37
CA THR C 31 12.10 -17.27 -2.10
C THR C 31 13.50 -16.72 -2.19
N GLU C 32 13.86 -15.81 -1.29
CA GLU C 32 15.21 -15.24 -1.25
C GLU C 32 16.17 -16.31 -0.71
N TYR C 33 15.82 -16.94 0.42
CA TYR C 33 16.64 -18.01 1.00
C TYR C 33 15.78 -18.88 1.91
N TYR C 34 16.28 -20.08 2.23
CA TYR C 34 15.60 -21.01 3.12
C TYR C 34 16.38 -21.14 4.42
N ARG C 35 15.66 -21.30 5.55
CA ARG C 35 16.28 -21.62 6.83
C ARG C 35 15.92 -23.09 7.05
N ILE C 36 16.91 -23.94 7.29
CA ILE C 36 16.67 -25.36 7.51
C ILE C 36 17.06 -25.65 8.96
N THR C 37 16.08 -26.04 9.77
CA THR C 37 16.30 -26.34 11.19
C THR C 37 16.10 -27.85 11.41
N TYR C 38 16.86 -28.41 12.34
CA TYR C 38 16.75 -29.84 12.65
C TYR C 38 17.17 -30.10 14.10
N GLY C 39 16.63 -31.15 14.67
CA GLY C 39 16.92 -31.53 16.04
C GLY C 39 16.16 -32.76 16.46
N GLU C 40 16.56 -33.39 17.57
CA GLU C 40 15.90 -34.60 18.07
C GLU C 40 14.43 -34.30 18.38
N THR C 41 13.52 -35.19 17.98
CA THR C 41 12.09 -34.98 18.21
C THR C 41 11.78 -35.03 19.72
N GLY C 42 11.06 -34.03 20.21
CA GLY C 42 10.64 -33.96 21.60
C GLY C 42 11.71 -33.75 22.67
N GLY C 43 12.99 -33.74 22.25
CA GLY C 43 14.15 -33.60 23.14
C GLY C 43 14.43 -32.20 23.65
N ASN C 44 15.45 -32.07 24.52
CA ASN C 44 15.81 -30.79 25.14
C ASN C 44 16.74 -29.90 24.28
N SER C 45 17.75 -30.51 23.60
CA SER C 45 18.76 -29.81 22.79
C SER C 45 18.18 -28.67 21.93
N PRO C 46 18.77 -27.44 21.88
CA PRO C 46 18.21 -26.43 20.96
C PRO C 46 18.43 -26.87 19.51
N VAL C 47 17.47 -26.58 18.62
CA VAL C 47 17.60 -27.01 17.22
C VAL C 47 18.80 -26.34 16.56
N GLN C 48 19.43 -27.05 15.63
CA GLN C 48 20.56 -26.54 14.87
C GLN C 48 19.99 -26.02 13.55
N GLU C 49 20.57 -24.94 13.00
CA GLU C 49 20.10 -24.40 11.73
C GLU C 49 21.17 -23.80 10.85
N PHE C 50 20.89 -23.84 9.54
CA PHE C 50 21.72 -23.27 8.50
C PHE C 50 20.81 -22.71 7.40
N THR C 51 21.33 -21.76 6.63
CA THR C 51 20.58 -21.17 5.54
C THR C 51 21.11 -21.71 4.22
N VAL C 52 20.28 -21.63 3.19
CA VAL C 52 20.59 -22.13 1.84
C VAL C 52 20.00 -21.09 0.83
N PRO C 53 20.68 -20.71 -0.28
CA PRO C 53 20.07 -19.73 -1.21
C PRO C 53 18.72 -20.23 -1.77
N GLY C 54 17.85 -19.28 -2.12
CA GLY C 54 16.50 -19.55 -2.61
C GLY C 54 16.37 -20.43 -3.83
N GLU C 55 17.39 -20.45 -4.70
CA GLU C 55 17.40 -21.29 -5.90
C GLU C 55 17.44 -22.80 -5.56
N ARG C 56 18.10 -23.19 -4.46
CA ARG C 56 18.24 -24.60 -4.11
C ARG C 56 16.97 -25.26 -3.56
N GLU C 57 16.69 -26.49 -4.01
CA GLU C 57 15.56 -27.31 -3.57
C GLU C 57 16.02 -28.63 -2.90
N THR C 58 17.32 -28.74 -2.56
CA THR C 58 17.92 -29.90 -1.87
C THR C 58 18.93 -29.39 -0.83
N ALA C 59 19.19 -30.21 0.19
CA ALA C 59 20.14 -29.88 1.24
C ALA C 59 20.59 -31.14 1.96
N THR C 60 21.85 -31.17 2.40
CA THR C 60 22.40 -32.29 3.13
C THR C 60 22.60 -31.88 4.60
N ILE C 61 22.05 -32.67 5.53
CA ILE C 61 22.18 -32.45 6.96
C ILE C 61 23.17 -33.52 7.41
N SER C 62 24.32 -33.11 7.97
CA SER C 62 25.37 -34.04 8.42
C SER C 62 25.58 -33.94 9.94
N GLY C 63 26.35 -34.87 10.50
CA GLY C 63 26.66 -34.88 11.93
C GLY C 63 25.51 -35.37 12.80
N LEU C 64 24.71 -36.31 12.29
CA LEU C 64 23.58 -36.88 13.04
C LEU C 64 23.99 -38.20 13.73
N LYS C 65 23.19 -38.64 14.72
CA LYS C 65 23.45 -39.85 15.50
C LYS C 65 22.64 -41.01 14.91
N PRO C 66 23.21 -42.23 14.71
CA PRO C 66 22.40 -43.34 14.16
C PRO C 66 21.14 -43.68 14.96
N GLY C 67 20.11 -44.16 14.26
CA GLY C 67 18.85 -44.58 14.86
C GLY C 67 18.12 -43.56 15.72
N VAL C 68 18.31 -42.26 15.49
CA VAL C 68 17.64 -41.20 16.26
C VAL C 68 16.58 -40.52 15.40
N ASP C 69 15.42 -40.15 16.01
CA ASP C 69 14.33 -39.48 15.33
C ASP C 69 14.60 -37.97 15.32
N TYR C 70 14.55 -37.34 14.14
CA TYR C 70 14.80 -35.91 13.99
C TYR C 70 13.60 -35.21 13.33
N THR C 71 13.31 -33.97 13.78
CA THR C 71 12.27 -33.11 13.20
C THR C 71 13.01 -32.10 12.30
N ILE C 72 12.70 -32.10 11.00
CA ILE C 72 13.33 -31.21 10.03
C ILE C 72 12.31 -30.17 9.60
N THR C 73 12.61 -28.87 9.76
CA THR C 73 11.72 -27.79 9.34
C THR C 73 12.43 -26.95 8.27
N VAL C 74 11.73 -26.66 7.16
CA VAL C 74 12.23 -25.84 6.07
C VAL C 74 11.35 -24.59 6.03
N TYR C 75 11.94 -23.41 6.28
CA TYR C 75 11.24 -22.14 6.22
C TYR C 75 11.58 -21.39 4.94
N ALA C 76 10.56 -20.98 4.17
CA ALA C 76 10.79 -20.16 2.97
C ALA C 76 10.86 -18.72 3.45
N VAL C 77 11.92 -17.98 3.09
CA VAL C 77 12.01 -16.57 3.45
C VAL C 77 11.89 -15.75 2.17
N GLY C 78 10.72 -15.14 1.98
CA GLY C 78 10.41 -14.25 0.87
C GLY C 78 10.03 -12.87 1.38
N ALA C 79 9.46 -12.01 0.52
CA ALA C 79 9.09 -10.64 0.91
C ALA C 79 8.09 -10.64 2.07
N GLU C 80 7.11 -11.55 2.03
CA GLU C 80 6.09 -11.72 3.06
C GLU C 80 6.68 -11.85 4.48
N GLN C 81 7.81 -12.56 4.63
CA GLN C 81 8.41 -12.79 5.95
C GLN C 81 9.04 -11.55 6.59
N TYR C 82 9.32 -10.50 5.80
CA TYR C 82 9.89 -9.26 6.34
C TYR C 82 8.85 -8.44 7.08
N GLY C 83 9.30 -7.57 7.99
CA GLY C 83 8.44 -6.68 8.75
C GLY C 83 7.28 -7.31 9.49
N GLY C 84 7.56 -8.36 10.25
CA GLY C 84 6.55 -9.03 11.06
C GLY C 84 5.62 -9.99 10.35
N GLY C 85 5.92 -10.33 9.10
CA GLY C 85 5.11 -11.28 8.35
C GLY C 85 5.18 -12.68 8.92
N PRO C 86 4.24 -13.58 8.57
CA PRO C 86 4.27 -14.92 9.18
C PRO C 86 5.35 -15.83 8.64
N ASP C 87 5.76 -16.81 9.44
CA ASP C 87 6.74 -17.80 9.00
C ASP C 87 6.07 -18.68 7.93
N ALA C 88 6.88 -19.25 7.04
CA ALA C 88 6.38 -20.14 5.99
C ALA C 88 7.06 -21.51 6.16
N PRO C 89 6.70 -22.32 7.20
CA PRO C 89 7.40 -23.60 7.42
C PRO C 89 6.70 -24.86 6.93
N ILE C 90 7.50 -25.93 6.79
CA ILE C 90 7.03 -27.28 6.52
C ILE C 90 7.94 -28.21 7.32
N SER C 91 7.34 -29.13 8.11
CA SER C 91 8.09 -30.05 8.96
C SER C 91 7.80 -31.51 8.63
N ILE C 92 8.82 -32.37 8.86
CA ILE C 92 8.75 -33.82 8.72
C ILE C 92 9.56 -34.46 9.86
N ASN C 93 9.27 -35.72 10.16
CA ASN C 93 10.03 -36.52 11.13
C ASN C 93 10.67 -37.66 10.35
N TYR C 94 11.91 -38.02 10.72
CA TYR C 94 12.60 -39.12 10.05
C TYR C 94 13.61 -39.73 11.00
N ARG C 95 13.62 -41.08 11.10
CA ARG C 95 14.58 -41.81 11.91
C ARG C 95 15.70 -42.26 11.00
N THR C 96 16.92 -41.76 11.27
CA THR C 96 18.08 -42.13 10.46
C THR C 96 18.43 -43.63 10.68
N PRO C 97 18.95 -44.38 9.67
CA PRO C 97 19.21 -45.82 9.90
C PRO C 97 20.36 -46.11 10.87
N HIS C 98 20.44 -47.37 11.35
CA HIS C 98 21.49 -47.83 12.26
C HIS C 98 22.76 -48.27 11.48
N HIS C 99 22.58 -48.71 10.21
CA HIS C 99 23.58 -49.15 9.23
C HIS C 99 25.04 -48.82 9.57
N ASP D 5 -3.92 20.45 -2.82
CA ASP D 5 -3.53 20.15 -1.45
C ASP D 5 -4.34 20.98 -0.41
N VAL D 6 -4.63 22.27 -0.68
CA VAL D 6 -5.40 23.12 0.26
C VAL D 6 -6.30 24.05 -0.61
N PRO D 7 -7.51 24.51 -0.18
CA PRO D 7 -8.28 25.43 -1.03
C PRO D 7 -7.58 26.79 -1.13
N ARG D 8 -7.71 27.49 -2.25
CA ARG D 8 -7.02 28.77 -2.46
C ARG D 8 -7.96 29.89 -2.92
N ASP D 9 -7.45 31.14 -2.94
CA ASP D 9 -8.20 32.32 -3.38
C ASP D 9 -9.52 32.51 -2.63
N LEU D 10 -9.53 32.28 -1.30
CA LEU D 10 -10.73 32.50 -0.52
C LEU D 10 -10.92 34.02 -0.39
N GLU D 11 -12.09 34.52 -0.81
CA GLU D 11 -12.38 35.95 -0.77
C GLU D 11 -13.88 36.22 -0.62
N VAL D 12 -14.22 37.39 -0.10
CA VAL D 12 -15.61 37.84 0.02
C VAL D 12 -15.92 38.51 -1.31
N VAL D 13 -16.95 38.03 -2.01
CA VAL D 13 -17.38 38.54 -3.31
C VAL D 13 -18.46 39.62 -3.13
N ALA D 14 -19.36 39.44 -2.14
CA ALA D 14 -20.41 40.43 -1.83
C ALA D 14 -20.60 40.48 -0.32
N ALA D 15 -20.80 41.69 0.23
CA ALA D 15 -20.98 41.87 1.67
C ALA D 15 -22.12 42.81 1.99
N THR D 16 -22.99 42.42 2.93
CA THR D 16 -24.07 43.24 3.47
C THR D 16 -23.87 43.28 5.02
N PRO D 17 -24.55 44.18 5.77
CA PRO D 17 -24.35 44.21 7.23
C PRO D 17 -24.55 42.87 7.96
N THR D 18 -25.44 41.99 7.46
CA THR D 18 -25.72 40.70 8.09
C THR D 18 -25.31 39.48 7.24
N SER D 19 -24.65 39.67 6.08
CA SER D 19 -24.35 38.54 5.21
C SER D 19 -23.05 38.69 4.42
N LEU D 20 -22.44 37.55 4.04
CA LEU D 20 -21.21 37.52 3.24
C LEU D 20 -21.29 36.39 2.21
N LEU D 21 -21.08 36.70 0.93
CA LEU D 21 -21.02 35.69 -0.12
C LEU D 21 -19.53 35.47 -0.34
N ILE D 22 -19.04 34.25 -0.04
CA ILE D 22 -17.62 33.91 -0.19
C ILE D 22 -17.41 33.00 -1.38
N SER D 23 -16.20 33.03 -1.94
CA SER D 23 -15.81 32.17 -3.05
C SER D 23 -14.39 31.67 -2.84
N TRP D 24 -14.08 30.52 -3.45
CA TRP D 24 -12.75 29.94 -3.34
C TRP D 24 -12.46 29.06 -4.57
N TYR D 25 -11.20 28.74 -4.79
CA TYR D 25 -10.75 27.87 -5.88
C TYR D 25 -10.43 26.53 -5.22
N HIS D 26 -10.96 25.44 -5.78
CA HIS D 26 -10.78 24.09 -5.26
C HIS D 26 -9.31 23.67 -5.13
N PRO D 27 -8.94 22.74 -4.21
CA PRO D 27 -7.56 22.24 -4.20
C PRO D 27 -7.26 21.32 -5.41
N GLU D 28 -6.02 20.87 -5.54
CA GLU D 28 -5.63 19.99 -6.66
C GLU D 28 -6.39 18.65 -6.61
N GLN D 29 -6.39 17.98 -5.45
CA GLN D 29 -7.11 16.72 -5.31
C GLN D 29 -8.64 16.91 -5.26
N TYR D 30 -9.41 15.85 -5.61
CA TYR D 30 -10.86 15.90 -5.59
C TYR D 30 -11.35 16.15 -4.15
N THR D 31 -12.40 16.98 -3.98
CA THR D 31 -12.99 17.31 -2.69
C THR D 31 -14.37 16.73 -2.61
N GLU D 32 -14.64 15.90 -1.60
CA GLU D 32 -15.95 15.30 -1.40
C GLU D 32 -16.92 16.37 -0.90
N TYR D 33 -16.51 17.13 0.13
CA TYR D 33 -17.32 18.24 0.66
C TYR D 33 -16.43 19.23 1.40
N TYR D 34 -16.96 20.44 1.64
CA TYR D 34 -16.27 21.48 2.37
C TYR D 34 -16.94 21.73 3.70
N ARG D 35 -16.16 22.03 4.74
CA ARG D 35 -16.70 22.49 6.03
C ARG D 35 -16.37 23.98 6.06
N ILE D 36 -17.37 24.84 6.28
CA ILE D 36 -17.18 26.28 6.33
C ILE D 36 -17.46 26.72 7.75
N THR D 37 -16.44 27.24 8.45
CA THR D 37 -16.57 27.69 9.84
C THR D 37 -16.42 29.22 9.87
N TYR D 38 -17.11 29.87 10.80
CA TYR D 38 -17.05 31.32 10.93
C TYR D 38 -17.36 31.74 12.37
N GLY D 39 -16.82 32.88 12.77
CA GLY D 39 -17.02 33.42 14.10
C GLY D 39 -16.25 34.70 14.32
N GLU D 40 -16.60 35.45 15.37
CA GLU D 40 -15.94 36.73 15.69
C GLU D 40 -14.44 36.50 15.91
N THR D 41 -13.60 37.37 15.34
CA THR D 41 -12.16 37.22 15.48
C THR D 41 -11.71 37.47 16.93
N GLY D 42 -10.93 36.55 17.47
CA GLY D 42 -10.36 36.67 18.81
C GLY D 42 -11.27 36.66 20.03
N GLY D 43 -12.58 36.79 19.88
CA GLY D 43 -13.49 36.79 21.03
C GLY D 43 -13.70 35.38 21.53
N ASN D 44 -12.62 34.72 22.03
CA ASN D 44 -12.58 33.30 22.41
C ASN D 44 -12.96 32.36 21.24
N SER D 45 -13.07 32.91 19.99
CA SER D 45 -13.45 32.22 18.76
C SER D 45 -14.72 31.35 18.90
N PRO D 46 -15.93 31.92 19.19
CA PRO D 46 -17.15 31.08 19.17
C PRO D 46 -17.42 30.79 17.69
N VAL D 47 -17.35 29.52 17.30
CA VAL D 47 -17.44 29.10 15.90
C VAL D 47 -18.77 28.39 15.54
N GLN D 48 -19.37 28.83 14.42
CA GLN D 48 -20.54 28.19 13.79
C GLN D 48 -20.05 27.54 12.49
N GLU D 49 -20.64 26.38 12.12
CA GLU D 49 -20.23 25.72 10.89
C GLU D 49 -21.34 24.97 10.16
N PHE D 50 -21.16 24.87 8.84
CA PHE D 50 -22.04 24.17 7.93
C PHE D 50 -21.19 23.51 6.83
N THR D 51 -21.73 22.47 6.22
CA THR D 51 -21.05 21.78 5.15
C THR D 51 -21.69 22.15 3.81
N VAL D 52 -20.94 21.97 2.74
CA VAL D 52 -21.37 22.30 1.38
C VAL D 52 -20.81 21.18 0.45
N PRO D 53 -21.56 20.65 -0.57
CA PRO D 53 -20.97 19.60 -1.42
C PRO D 53 -19.69 20.08 -2.15
N GLY D 54 -18.81 19.13 -2.47
CA GLY D 54 -17.53 19.39 -3.09
C GLY D 54 -17.52 20.12 -4.41
N GLU D 55 -18.60 20.01 -5.18
CA GLU D 55 -18.74 20.71 -6.46
C GLU D 55 -18.82 22.24 -6.29
N ARG D 56 -19.41 22.74 -5.19
CA ARG D 56 -19.58 24.17 -4.97
C ARG D 56 -18.30 24.92 -4.60
N GLU D 57 -18.12 26.10 -5.22
CA GLU D 57 -16.98 26.99 -4.95
C GLU D 57 -17.45 28.36 -4.39
N THR D 58 -18.73 28.49 -3.96
CA THR D 58 -19.31 29.68 -3.36
C THR D 58 -20.22 29.27 -2.20
N ALA D 59 -20.44 30.19 -1.25
CA ALA D 59 -21.29 29.95 -0.09
C ALA D 59 -21.74 31.27 0.51
N THR D 60 -22.96 31.32 1.05
CA THR D 60 -23.50 32.52 1.70
C THR D 60 -23.58 32.26 3.20
N ILE D 61 -22.97 33.17 3.99
CA ILE D 61 -22.99 33.13 5.45
C ILE D 61 -23.97 34.21 5.86
N SER D 62 -25.06 33.85 6.55
CA SER D 62 -26.10 34.79 6.97
C SER D 62 -26.19 34.87 8.52
N GLY D 63 -26.94 35.84 9.03
CA GLY D 63 -27.14 36.02 10.46
C GLY D 63 -25.95 36.63 11.18
N LEU D 64 -25.22 37.53 10.50
CA LEU D 64 -24.06 38.20 11.08
C LEU D 64 -24.46 39.60 11.65
N LYS D 65 -23.60 40.16 12.51
CA LYS D 65 -23.85 41.45 13.16
C LYS D 65 -23.13 42.57 12.38
N PRO D 66 -23.75 43.74 12.08
CA PRO D 66 -23.02 44.80 11.36
C PRO D 66 -21.71 45.26 12.00
N GLY D 67 -20.76 45.69 11.16
CA GLY D 67 -19.47 46.19 11.60
C GLY D 67 -18.64 45.31 12.51
N VAL D 68 -18.81 43.98 12.45
CA VAL D 68 -18.05 43.03 13.28
C VAL D 68 -17.02 42.28 12.42
N ASP D 69 -15.82 42.03 12.97
CA ASP D 69 -14.77 41.30 12.28
C ASP D 69 -14.97 39.79 12.47
N TYR D 70 -15.00 39.03 11.37
CA TYR D 70 -15.20 37.58 11.41
C TYR D 70 -14.05 36.84 10.75
N THR D 71 -13.68 35.66 11.30
CA THR D 71 -12.66 34.77 10.74
C THR D 71 -13.42 33.65 10.03
N ILE D 72 -13.21 33.49 8.71
CA ILE D 72 -13.89 32.48 7.91
C ILE D 72 -12.85 31.43 7.51
N THR D 73 -13.11 30.14 7.85
CA THR D 73 -12.21 29.05 7.48
C THR D 73 -12.96 28.06 6.57
N VAL D 74 -12.33 27.68 5.46
CA VAL D 74 -12.88 26.71 4.51
C VAL D 74 -11.96 25.50 4.53
N TYR D 75 -12.48 24.34 4.95
CA TYR D 75 -11.74 23.08 4.99
C TYR D 75 -12.13 22.19 3.82
N ALA D 76 -11.16 21.73 3.02
CA ALA D 76 -11.44 20.77 1.95
C ALA D 76 -11.42 19.38 2.58
N VAL D 77 -12.46 18.57 2.37
CA VAL D 77 -12.48 17.21 2.89
C VAL D 77 -12.42 16.25 1.69
N GLY D 78 -11.25 15.66 1.48
CA GLY D 78 -10.98 14.67 0.45
C GLY D 78 -10.51 13.36 1.05
N ALA D 79 -9.97 12.45 0.24
CA ALA D 79 -9.50 11.14 0.71
C ALA D 79 -8.44 11.27 1.79
N GLU D 80 -7.50 12.22 1.60
CA GLU D 80 -6.41 12.52 2.55
C GLU D 80 -6.92 12.76 3.99
N GLN D 81 -8.07 13.44 4.15
CA GLN D 81 -8.59 13.78 5.47
C GLN D 81 -9.12 12.58 6.26
N TYR D 82 -9.41 11.44 5.59
CA TYR D 82 -9.89 10.23 6.27
C TYR D 82 -8.75 9.51 7.00
N GLY D 83 -9.11 8.71 8.00
CA GLY D 83 -8.17 7.92 8.79
C GLY D 83 -7.00 8.66 9.40
N GLY D 84 -7.28 9.77 10.08
CA GLY D 84 -6.26 10.56 10.76
C GLY D 84 -5.43 11.50 9.91
N GLY D 85 -5.83 11.73 8.66
CA GLY D 85 -5.10 12.63 7.78
C GLY D 85 -5.19 14.08 8.23
N PRO D 86 -4.32 14.98 7.72
CA PRO D 86 -4.35 16.37 8.19
C PRO D 86 -5.49 17.20 7.63
N ASP D 87 -5.88 18.27 8.34
CA ASP D 87 -6.90 19.19 7.86
C ASP D 87 -6.34 19.97 6.66
N ALA D 88 -7.23 20.42 5.77
CA ALA D 88 -6.84 21.20 4.60
C ALA D 88 -7.56 22.57 4.68
N PRO D 89 -7.15 23.50 5.58
CA PRO D 89 -7.88 24.78 5.71
C PRO D 89 -7.27 26.00 5.03
N ILE D 90 -8.12 27.02 4.84
CA ILE D 90 -7.71 28.35 4.38
C ILE D 90 -8.60 29.35 5.14
N SER D 91 -7.98 30.37 5.76
CA SER D 91 -8.69 31.36 6.57
C SER D 91 -8.49 32.78 6.06
N ILE D 92 -9.52 33.62 6.25
CA ILE D 92 -9.51 35.05 5.94
C ILE D 92 -10.26 35.79 7.07
N ASN D 93 -9.99 37.10 7.20
CA ASN D 93 -10.70 37.97 8.13
C ASN D 93 -11.44 39.00 7.27
N TYR D 94 -12.65 39.37 7.69
CA TYR D 94 -13.44 40.36 6.96
C TYR D 94 -14.41 41.05 7.91
N ARG D 95 -14.46 42.40 7.85
CA ARG D 95 -15.36 43.20 8.65
C ARG D 95 -16.57 43.51 7.80
N THR D 96 -17.73 43.02 8.21
CA THR D 96 -18.98 43.26 7.48
C THR D 96 -19.36 44.77 7.54
N PRO D 97 -19.98 45.39 6.50
CA PRO D 97 -20.28 46.83 6.58
C PRO D 97 -21.36 47.21 7.60
N HIS D 98 -21.44 48.51 7.93
CA HIS D 98 -22.43 49.04 8.87
C HIS D 98 -23.77 49.38 8.20
N HIS D 99 -24.84 49.55 9.04
CA HIS D 99 -26.20 49.98 8.65
C HIS D 99 -27.17 49.91 9.85
#